data_9BK9
#
_entry.id   9BK9
#
_cell.length_a   46.970
_cell.length_b   84.647
_cell.length_c   85.789
_cell.angle_alpha   90.000
_cell.angle_beta   90.710
_cell.angle_gamma   90.000
#
_symmetry.space_group_name_H-M   'P 1 21 1'
#
loop_
_entity.id
_entity.type
_entity.pdbx_description
1 polymer 'Rid family protein PA0814'
2 water water
#
_entity_poly.entity_id   1
_entity_poly.type   'polypeptide(L)'
_entity_poly.pdbx_seq_one_letter_code
;MQTSPAPAIVAGGAYQPVVLHAGIAYVSGQLPRQHGELRWTGKVGSELDLEQARQAARLCAACCLLALEEALGGLQRVER
LLKVTGYVASAAGFVQQPAVIDAASEYFDEVLGARGGHARAAVGVAELPRGAAVEVELIAAVRP
;
_entity_poly.pdbx_strand_id   A,B,C,D,E,F
#
# COMPACT_ATOMS: atom_id res chain seq x y z
N ALA A 14 -14.20 35.15 -6.96
CA ALA A 14 -12.85 34.84 -7.43
C ALA A 14 -11.99 34.26 -6.32
N TYR A 15 -11.58 33.00 -6.51
CA TYR A 15 -10.73 32.29 -5.58
C TYR A 15 -9.26 32.55 -5.88
N GLN A 16 -8.40 32.16 -4.94
CA GLN A 16 -6.95 32.31 -5.04
C GLN A 16 -6.31 30.96 -5.34
N PRO A 17 -5.23 30.93 -6.14
CA PRO A 17 -4.56 29.64 -6.40
C PRO A 17 -3.98 28.99 -5.17
N VAL A 18 -3.44 29.79 -4.24
CA VAL A 18 -2.81 29.30 -3.02
C VAL A 18 -3.13 30.25 -1.89
N VAL A 19 -3.46 29.70 -0.72
CA VAL A 19 -3.56 30.47 0.52
C VAL A 19 -2.50 29.99 1.50
N LEU A 20 -1.74 30.93 2.08
CA LEU A 20 -0.76 30.61 3.11
C LEU A 20 -1.29 31.10 4.45
N HIS A 21 -1.33 30.21 5.45
CA HIS A 21 -1.79 30.59 6.79
C HIS A 21 -1.18 29.66 7.83
N ALA A 22 -0.55 30.26 8.85
CA ALA A 22 -0.09 29.53 10.03
C ALA A 22 0.75 28.31 9.67
N GLY A 23 1.65 28.48 8.72
CA GLY A 23 2.57 27.42 8.34
C GLY A 23 2.01 26.36 7.41
N ILE A 24 0.82 26.59 6.86
CA ILE A 24 0.17 25.65 5.95
C ILE A 24 -0.14 26.37 4.64
N ALA A 25 0.09 25.69 3.52
CA ALA A 25 -0.30 26.17 2.20
C ALA A 25 -1.44 25.30 1.70
N TYR A 26 -2.55 25.95 1.32
CA TYR A 26 -3.72 25.30 0.72
C TYR A 26 -3.68 25.63 -0.77
N VAL A 27 -3.47 24.62 -1.60
CA VAL A 27 -3.34 24.80 -3.04
C VAL A 27 -4.61 24.32 -3.70
N SER A 28 -5.22 25.25 -4.46
CA SER A 28 -6.45 25.02 -5.20
C SER A 28 -6.28 23.90 -6.21
N GLY A 29 -7.41 23.30 -6.56
CA GLY A 29 -7.45 22.30 -7.62
C GLY A 29 -6.92 22.80 -8.93
N GLN A 30 -6.00 22.03 -9.53
CA GLN A 30 -5.37 22.37 -10.80
C GLN A 30 -5.82 21.38 -11.86
N LEU A 31 -6.07 21.89 -13.07
CA LEU A 31 -6.42 21.10 -14.22
C LEU A 31 -5.17 20.79 -15.04
N PRO A 32 -5.26 19.85 -16.00
CA PRO A 32 -4.05 19.50 -16.77
C PRO A 32 -3.74 20.51 -17.87
N ARG A 33 -3.07 21.61 -17.50
CA ARG A 33 -2.71 22.64 -18.45
C ARG A 33 -1.21 22.66 -18.69
N GLN A 34 -0.80 22.80 -19.94
CA GLN A 34 0.58 23.13 -20.25
C GLN A 34 0.57 24.41 -21.07
N HIS A 35 1.37 25.39 -20.66
CA HIS A 35 1.44 26.67 -21.35
C HIS A 35 0.06 27.33 -21.44
N GLY A 36 -0.75 27.18 -20.38
CA GLY A 36 -2.04 27.84 -20.37
C GLY A 36 -3.15 27.01 -21.00
N GLU A 37 -2.80 26.02 -21.81
CA GLU A 37 -3.75 25.33 -22.67
C GLU A 37 -4.23 24.07 -21.99
N LEU A 38 -5.54 23.88 -21.91
CA LEU A 38 -6.06 22.62 -21.37
C LEU A 38 -5.72 21.48 -22.33
N ARG A 39 -4.94 20.52 -21.87
CA ARG A 39 -4.35 19.55 -22.77
C ARG A 39 -5.06 18.21 -22.80
N TRP A 40 -5.64 17.80 -21.68
CA TRP A 40 -6.23 16.47 -21.58
C TRP A 40 -7.68 16.61 -21.15
N THR A 41 -8.60 16.38 -22.08
CA THR A 41 -10.02 16.43 -21.79
C THR A 41 -10.64 15.10 -22.20
N GLY A 42 -11.73 14.75 -21.54
CA GLY A 42 -12.42 13.50 -21.80
C GLY A 42 -12.39 12.60 -20.58
N LYS A 43 -13.19 11.54 -20.68
CA LYS A 43 -13.33 10.57 -19.61
C LYS A 43 -12.25 9.51 -19.67
N VAL A 44 -11.66 9.22 -18.53
CA VAL A 44 -10.67 8.15 -18.44
C VAL A 44 -11.38 6.81 -18.44
N GLY A 45 -10.93 5.90 -19.30
CA GLY A 45 -11.61 4.64 -19.46
C GLY A 45 -12.48 4.56 -20.70
N SER A 46 -12.75 5.68 -21.35
CA SER A 46 -13.41 5.62 -22.65
C SER A 46 -12.62 6.43 -23.66
N GLU A 47 -12.49 7.73 -23.42
CA GLU A 47 -11.77 8.58 -24.34
C GLU A 47 -10.29 8.62 -24.05
N LEU A 48 -9.89 8.55 -22.78
CA LEU A 48 -8.48 8.42 -22.44
C LEU A 48 -8.21 7.05 -21.86
N ASP A 49 -7.01 6.54 -22.11
CA ASP A 49 -6.55 5.33 -21.46
C ASP A 49 -5.67 5.73 -20.28
N LEU A 50 -5.14 4.72 -19.60
CA LEU A 50 -4.37 4.97 -18.38
C LEU A 50 -3.14 5.83 -18.63
N GLU A 51 -2.44 5.61 -19.75
CA GLU A 51 -1.21 6.35 -19.97
C GLU A 51 -1.48 7.83 -20.25
N GLN A 52 -2.52 8.15 -21.03
CA GLN A 52 -2.84 9.56 -21.23
C GLN A 52 -3.30 10.22 -19.93
N ALA A 53 -4.09 9.49 -19.13
CA ALA A 53 -4.57 10.06 -17.89
C ALA A 53 -3.41 10.34 -16.93
N ARG A 54 -2.39 9.48 -16.96
CA ARG A 54 -1.18 9.73 -16.18
C ARG A 54 -0.46 10.99 -16.66
N GLN A 55 -0.38 11.20 -17.98
CA GLN A 55 0.20 12.45 -18.45
C GLN A 55 -0.59 13.65 -17.93
N ALA A 56 -1.92 13.54 -17.91
CA ALA A 56 -2.73 14.62 -17.36
C ALA A 56 -2.42 14.84 -15.87
N ALA A 57 -2.31 13.76 -15.10
CA ALA A 57 -2.06 13.90 -13.67
C ALA A 57 -0.69 14.52 -13.40
N ARG A 58 0.30 14.17 -14.22
CA ARG A 58 1.62 14.76 -14.08
C ARG A 58 1.55 16.26 -14.32
N LEU A 59 0.77 16.66 -15.33
CA LEU A 59 0.64 18.08 -15.61
C LEU A 59 -0.06 18.81 -14.47
N CYS A 60 -1.12 18.20 -13.90
CA CYS A 60 -1.79 18.79 -12.75
C CYS A 60 -0.82 18.99 -11.60
N ALA A 61 -0.02 17.97 -11.31
CA ALA A 61 0.94 18.06 -10.21
C ALA A 61 1.93 19.18 -10.45
N ALA A 62 2.39 19.31 -11.69
CA ALA A 62 3.30 20.40 -12.03
C ALA A 62 2.65 21.76 -11.82
N CYS A 63 1.38 21.89 -12.20
CA CYS A 63 0.66 23.15 -11.96
C CYS A 63 0.50 23.43 -10.47
N CYS A 64 0.28 22.39 -9.65
CA CYS A 64 0.23 22.60 -8.20
C CYS A 64 1.55 23.13 -7.68
N LEU A 65 2.65 22.49 -8.05
CA LEU A 65 3.95 22.91 -7.53
C LEU A 65 4.34 24.29 -8.08
N LEU A 66 3.95 24.59 -9.33
CA LEU A 66 4.24 25.92 -9.86
C LEU A 66 3.48 26.99 -9.09
N ALA A 67 2.19 26.75 -8.81
CA ALA A 67 1.42 27.69 -7.99
C ALA A 67 2.03 27.85 -6.60
N LEU A 68 2.45 26.74 -5.97
CA LEU A 68 3.11 26.82 -4.67
C LEU A 68 4.41 27.61 -4.71
N GLU A 69 5.25 27.32 -5.71
CA GLU A 69 6.52 28.02 -5.86
C GLU A 69 6.30 29.53 -6.06
N GLU A 70 5.34 29.89 -6.90
CA GLU A 70 5.07 31.29 -7.16
C GLU A 70 4.48 31.99 -5.93
N ALA A 71 3.72 31.26 -5.11
CA ALA A 71 3.21 31.85 -3.88
C ALA A 71 4.31 32.04 -2.84
N LEU A 72 5.30 31.14 -2.80
CA LEU A 72 6.32 31.19 -1.75
C LEU A 72 7.58 31.93 -2.14
N GLY A 73 7.80 32.17 -3.43
CA GLY A 73 9.07 32.68 -3.88
C GLY A 73 10.17 31.64 -3.90
N GLY A 74 9.81 30.38 -4.17
CA GLY A 74 10.76 29.29 -4.24
C GLY A 74 10.29 28.11 -3.42
N LEU A 75 10.63 26.91 -3.88
CA LEU A 75 10.23 25.69 -3.19
C LEU A 75 11.10 25.37 -1.99
N GLN A 76 12.16 26.14 -1.76
CA GLN A 76 12.97 25.91 -0.55
C GLN A 76 12.18 26.16 0.72
N ARG A 77 11.09 26.92 0.67
CA ARG A 77 10.28 27.15 1.86
C ARG A 77 9.24 26.07 2.09
N VAL A 78 9.18 25.05 1.26
CA VAL A 78 8.30 23.92 1.51
C VAL A 78 8.99 23.01 2.52
N GLU A 79 8.38 22.85 3.70
CA GLU A 79 8.90 21.88 4.66
C GLU A 79 8.59 20.45 4.22
N ARG A 80 7.33 20.20 3.85
CA ARG A 80 6.92 18.92 3.29
C ARG A 80 5.52 19.03 2.74
N LEU A 81 5.20 18.16 1.79
CA LEU A 81 3.81 18.00 1.41
C LEU A 81 3.09 17.26 2.53
N LEU A 82 1.78 17.46 2.61
CA LEU A 82 0.97 16.81 3.64
C LEU A 82 -0.09 15.91 3.05
N LYS A 83 -0.92 16.45 2.15
CA LYS A 83 -2.03 15.66 1.67
C LYS A 83 -2.35 16.06 0.23
N VAL A 84 -2.57 15.06 -0.62
CA VAL A 84 -2.87 15.26 -2.04
C VAL A 84 -4.23 14.63 -2.31
N THR A 85 -5.11 15.35 -3.00
CA THR A 85 -6.37 14.76 -3.43
C THR A 85 -6.43 14.78 -4.95
N GLY A 86 -6.66 13.62 -5.54
CA GLY A 86 -6.74 13.48 -6.98
C GLY A 86 -8.11 13.05 -7.42
N TYR A 87 -8.73 13.82 -8.31
CA TYR A 87 -10.04 13.52 -8.88
C TYR A 87 -9.85 13.12 -10.33
N VAL A 88 -10.43 11.99 -10.72
CA VAL A 88 -10.28 11.47 -12.07
C VAL A 88 -11.66 11.37 -12.68
N ALA A 89 -11.91 12.09 -13.77
CA ALA A 89 -13.17 11.95 -14.50
C ALA A 89 -13.21 10.56 -15.14
N SER A 90 -14.15 9.73 -14.68
CA SER A 90 -14.07 8.28 -14.85
C SER A 90 -15.27 7.76 -15.64
N ALA A 91 -14.98 7.05 -16.73
CA ALA A 91 -16.01 6.35 -17.49
C ALA A 91 -16.47 5.11 -16.73
N ALA A 92 -17.63 4.61 -17.14
CA ALA A 92 -18.17 3.39 -16.54
C ALA A 92 -17.14 2.28 -16.53
N GLY A 93 -16.90 1.71 -15.34
CA GLY A 93 -16.00 0.60 -15.18
C GLY A 93 -14.53 0.93 -14.99
N PHE A 94 -14.14 2.20 -15.10
CA PHE A 94 -12.73 2.53 -14.90
C PHE A 94 -12.43 2.57 -13.41
N VAL A 95 -11.48 1.75 -12.95
CA VAL A 95 -11.20 1.62 -11.52
C VAL A 95 -9.71 1.70 -11.20
N GLN A 96 -8.91 2.32 -12.09
CA GLN A 96 -7.47 2.45 -11.86
C GLN A 96 -7.08 3.88 -11.51
N GLN A 97 -7.92 4.55 -10.73
CA GLN A 97 -7.57 5.89 -10.27
C GLN A 97 -6.25 5.94 -9.50
N PRO A 98 -5.91 4.97 -8.64
CA PRO A 98 -4.59 5.06 -7.98
C PRO A 98 -3.45 5.09 -8.97
N ALA A 99 -3.48 4.28 -10.02
CA ALA A 99 -2.41 4.31 -11.00
C ALA A 99 -2.34 5.64 -11.74
N VAL A 100 -3.49 6.30 -11.93
CA VAL A 100 -3.47 7.63 -12.56
C VAL A 100 -2.80 8.64 -11.64
N ILE A 101 -3.26 8.72 -10.39
CA ILE A 101 -2.72 9.72 -9.47
C ILE A 101 -1.28 9.40 -9.05
N ASP A 102 -0.85 8.14 -9.21
CA ASP A 102 0.55 7.79 -8.96
C ASP A 102 1.49 8.64 -9.80
N ALA A 103 1.07 9.06 -10.99
CA ALA A 103 1.94 9.93 -11.80
C ALA A 103 2.16 11.27 -11.12
N ALA A 104 1.12 11.83 -10.48
CA ALA A 104 1.30 13.04 -9.70
C ALA A 104 2.20 12.79 -8.49
N SER A 105 1.94 11.69 -7.75
CA SER A 105 2.75 11.42 -6.56
C SER A 105 4.22 11.28 -6.92
N GLU A 106 4.53 10.56 -8.01
CA GLU A 106 5.92 10.40 -8.41
C GLU A 106 6.53 11.71 -8.89
N TYR A 107 5.75 12.55 -9.57
CA TYR A 107 6.27 13.88 -9.92
C TYR A 107 6.65 14.68 -8.69
N PHE A 108 5.79 14.65 -7.66
CA PHE A 108 6.16 15.33 -6.42
C PHE A 108 7.47 14.79 -5.89
N ASP A 109 7.68 13.47 -6.00
CA ASP A 109 8.96 12.91 -5.57
C ASP A 109 10.11 13.43 -6.44
N GLU A 110 9.90 13.52 -7.76
CA GLU A 110 10.96 13.98 -8.64
C GLU A 110 11.43 15.37 -8.27
N VAL A 111 10.49 16.25 -7.94
CA VAL A 111 10.85 17.64 -7.64
C VAL A 111 11.31 17.82 -6.21
N LEU A 112 10.61 17.20 -5.24
CA LEU A 112 10.83 17.55 -3.84
C LEU A 112 11.59 16.49 -3.05
N GLY A 113 11.93 15.34 -3.66
CA GLY A 113 12.64 14.32 -2.91
C GLY A 113 11.84 13.84 -1.71
N ALA A 114 12.52 13.72 -0.56
CA ALA A 114 11.87 13.24 0.65
C ALA A 114 10.74 14.17 1.09
N ARG A 115 10.85 15.46 0.77
CA ARG A 115 9.82 16.41 1.20
C ARG A 115 8.53 16.23 0.43
N GLY A 116 8.56 15.43 -0.62
CA GLY A 116 7.37 15.20 -1.41
C GLY A 116 6.41 14.15 -0.90
N GLY A 117 6.73 13.45 0.19
CA GLY A 117 5.83 12.42 0.69
C GLY A 117 4.51 13.00 1.15
N HIS A 118 3.45 12.20 1.00
CA HIS A 118 2.13 12.75 1.29
C HIS A 118 1.11 11.65 1.53
N ALA A 119 0.09 11.97 2.34
CA ALA A 119 -1.13 11.17 2.33
C ALA A 119 -1.92 11.49 1.08
N ARG A 120 -2.86 10.62 0.74
CA ARG A 120 -3.50 10.75 -0.57
C ARG A 120 -4.90 10.18 -0.57
N ALA A 121 -5.75 10.78 -1.41
CA ALA A 121 -7.01 10.16 -1.81
C ALA A 121 -7.12 10.27 -3.31
N ALA A 122 -7.73 9.26 -3.92
CA ALA A 122 -7.93 9.24 -5.38
C ALA A 122 -9.31 8.68 -5.63
N VAL A 123 -10.17 9.45 -6.30
CA VAL A 123 -11.55 9.04 -6.51
C VAL A 123 -11.95 9.30 -7.94
N GLY A 124 -12.91 8.53 -8.43
CA GLY A 124 -13.42 8.74 -9.77
C GLY A 124 -14.69 9.58 -9.79
N VAL A 125 -14.61 10.77 -10.34
CA VAL A 125 -15.75 11.68 -10.33
C VAL A 125 -16.47 11.58 -11.67
N ALA A 126 -17.66 12.17 -11.73
CA ALA A 126 -18.44 12.11 -12.95
C ALA A 126 -17.94 13.10 -14.01
N GLU A 127 -17.60 14.32 -13.60
CA GLU A 127 -17.23 15.37 -14.55
C GLU A 127 -16.23 16.29 -13.89
N LEU A 128 -15.42 16.96 -14.69
CA LEU A 128 -14.51 17.96 -14.17
C LEU A 128 -14.62 19.26 -14.97
N PRO A 129 -14.18 20.39 -14.39
CA PRO A 129 -14.23 21.68 -15.10
C PRO A 129 -13.64 21.60 -16.51
N ARG A 130 -14.38 22.15 -17.47
CA ARG A 130 -13.97 22.23 -18.88
C ARG A 130 -13.75 20.87 -19.51
N GLY A 131 -14.28 19.79 -18.92
CA GLY A 131 -14.05 18.47 -19.43
C GLY A 131 -12.68 17.90 -19.15
N ALA A 132 -11.94 18.50 -18.21
CA ALA A 132 -10.62 18.00 -17.84
C ALA A 132 -10.67 16.54 -17.39
N ALA A 133 -9.58 15.82 -17.65
CA ALA A 133 -9.54 14.41 -17.28
C ALA A 133 -9.21 14.19 -15.81
N VAL A 134 -8.41 15.09 -15.22
CA VAL A 134 -7.87 14.95 -13.87
C VAL A 134 -7.83 16.33 -13.23
N GLU A 135 -8.04 16.36 -11.91
CA GLU A 135 -7.86 17.59 -11.13
C GLU A 135 -7.13 17.21 -9.85
N VAL A 136 -6.10 17.97 -9.47
CA VAL A 136 -5.31 17.65 -8.28
C VAL A 136 -5.25 18.87 -7.36
N GLU A 137 -5.50 18.66 -6.08
CA GLU A 137 -5.31 19.72 -5.09
C GLU A 137 -4.36 19.24 -4.00
N LEU A 138 -3.79 20.18 -3.24
CA LEU A 138 -2.89 19.67 -2.20
C LEU A 138 -2.79 20.61 -1.02
N ILE A 139 -2.27 20.08 0.08
CA ILE A 139 -1.96 20.83 1.29
C ILE A 139 -0.50 20.56 1.62
N ALA A 140 0.24 21.62 1.96
CA ALA A 140 1.67 21.51 2.22
C ALA A 140 2.01 22.25 3.51
N ALA A 141 3.11 21.83 4.13
CA ALA A 141 3.66 22.55 5.27
C ALA A 141 4.73 23.47 4.75
N VAL A 142 4.78 24.69 5.26
CA VAL A 142 5.73 25.66 4.75
C VAL A 142 6.54 26.17 5.93
N ARG A 143 7.76 26.58 5.66
CA ARG A 143 8.62 27.09 6.72
C ARG A 143 8.30 28.54 6.96
N PRO B 5 -39.31 20.76 11.68
CA PRO B 5 -39.24 19.49 12.39
C PRO B 5 -38.57 18.38 11.57
N ALA B 6 -37.96 18.73 10.44
CA ALA B 6 -37.39 17.71 9.59
C ALA B 6 -36.37 16.88 10.39
N PRO B 7 -36.43 15.55 10.31
CA PRO B 7 -35.46 14.73 11.06
C PRO B 7 -34.00 15.06 10.73
N ALA B 8 -33.72 15.42 9.48
CA ALA B 8 -32.35 15.78 9.11
C ALA B 8 -31.84 16.98 9.89
N ILE B 9 -32.73 17.83 10.40
CA ILE B 9 -32.34 19.03 11.14
C ILE B 9 -32.40 18.81 12.64
N VAL B 10 -33.48 18.18 13.13
CA VAL B 10 -33.72 18.09 14.56
C VAL B 10 -32.63 17.28 15.25
N ALA B 11 -32.32 16.12 14.71
CA ALA B 11 -31.23 15.30 15.23
C ALA B 11 -30.51 14.77 14.00
N GLY B 12 -29.62 15.60 13.45
CA GLY B 12 -29.07 15.41 12.12
C GLY B 12 -28.27 14.15 11.89
N GLY B 13 -27.46 14.13 10.85
CA GLY B 13 -26.54 13.04 10.63
C GLY B 13 -25.64 12.85 11.84
N ALA B 14 -24.86 11.77 11.79
CA ALA B 14 -24.00 11.44 12.92
C ALA B 14 -22.71 12.25 12.88
N TYR B 15 -22.83 13.56 12.69
CA TYR B 15 -21.66 14.41 12.57
C TYR B 15 -21.99 15.84 13.00
N GLN B 16 -20.92 16.59 13.32
CA GLN B 16 -21.11 17.96 13.78
C GLN B 16 -21.10 18.92 12.60
N PRO B 17 -21.94 19.96 12.63
CA PRO B 17 -21.88 20.97 11.55
C PRO B 17 -20.52 21.64 11.47
N VAL B 18 -19.90 21.91 12.61
CA VAL B 18 -18.61 22.59 12.67
C VAL B 18 -17.79 21.98 13.79
N VAL B 19 -16.52 21.71 13.53
CA VAL B 19 -15.57 21.37 14.59
C VAL B 19 -14.55 22.49 14.69
N LEU B 20 -14.33 23.00 15.90
CA LEU B 20 -13.33 24.03 16.13
C LEU B 20 -12.16 23.41 16.87
N HIS B 21 -10.95 23.56 16.33
CA HIS B 21 -9.77 22.98 16.96
C HIS B 21 -8.53 23.76 16.56
N ALA B 22 -7.78 24.23 17.58
CA ALA B 22 -6.46 24.80 17.39
C ALA B 22 -6.45 25.91 16.33
N GLY B 23 -7.43 26.80 16.40
CA GLY B 23 -7.48 27.92 15.49
C GLY B 23 -8.04 27.63 14.12
N ILE B 24 -8.59 26.44 13.90
CA ILE B 24 -9.18 26.07 12.62
C ILE B 24 -10.62 25.65 12.85
N ALA B 25 -11.50 26.05 11.93
CA ALA B 25 -12.88 25.60 11.90
C ALA B 25 -13.06 24.70 10.70
N TYR B 26 -13.55 23.48 10.95
CA TYR B 26 -13.87 22.52 9.90
C TYR B 26 -15.38 22.52 9.74
N VAL B 27 -15.86 23.00 8.59
CA VAL B 27 -17.30 23.13 8.34
C VAL B 27 -17.73 22.00 7.42
N SER B 28 -18.70 21.22 7.92
CA SER B 28 -19.25 20.07 7.20
C SER B 28 -19.87 20.51 5.88
N GLY B 29 -19.94 19.56 4.94
CA GLY B 29 -20.63 19.80 3.69
C GLY B 29 -22.08 20.23 3.92
N GLN B 30 -22.46 21.35 3.32
CA GLN B 30 -23.80 21.92 3.47
C GLN B 30 -24.56 21.76 2.15
N LEU B 31 -25.83 21.41 2.27
CA LEU B 31 -26.72 21.30 1.13
C LEU B 31 -27.48 22.60 0.95
N PRO B 32 -28.16 22.80 -0.20
CA PRO B 32 -28.83 24.08 -0.43
C PRO B 32 -30.15 24.16 0.32
N ARG B 33 -30.11 24.57 1.58
CA ARG B 33 -31.32 24.67 2.38
C ARG B 33 -31.70 26.13 2.61
N GLN B 34 -33.01 26.39 2.56
CA GLN B 34 -33.61 27.64 3.00
C GLN B 34 -34.58 27.33 4.14
N HIS B 35 -34.25 27.79 5.33
CA HIS B 35 -35.04 27.55 6.55
C HIS B 35 -35.27 26.06 6.79
N GLY B 36 -34.23 25.26 6.57
CA GLY B 36 -34.31 23.86 6.87
C GLY B 36 -34.71 22.99 5.70
N GLU B 37 -35.39 23.57 4.71
CA GLU B 37 -35.98 22.79 3.65
C GLU B 37 -35.03 22.78 2.47
N LEU B 38 -34.79 21.59 1.93
CA LEU B 38 -33.95 21.45 0.76
C LEU B 38 -34.61 22.16 -0.43
N ARG B 39 -33.92 23.14 -1.00
CA ARG B 39 -34.50 24.01 -2.00
C ARG B 39 -34.12 23.66 -3.42
N TRP B 40 -32.90 23.15 -3.64
CA TRP B 40 -32.39 22.89 -4.98
C TRP B 40 -31.92 21.45 -5.08
N THR B 41 -32.62 20.66 -5.88
CA THR B 41 -32.29 19.27 -6.12
C THR B 41 -32.15 19.01 -7.61
N GLY B 42 -31.41 17.94 -7.93
CA GLY B 42 -31.26 17.50 -9.30
C GLY B 42 -29.84 17.68 -9.80
N LYS B 43 -29.58 17.02 -10.93
CA LYS B 43 -28.27 17.13 -11.54
C LYS B 43 -28.21 18.35 -12.45
N VAL B 44 -27.11 19.10 -12.34
CA VAL B 44 -26.97 20.29 -13.15
C VAL B 44 -26.66 19.87 -14.59
N GLY B 45 -27.37 20.45 -15.55
CA GLY B 45 -27.29 20.02 -16.92
C GLY B 45 -28.42 19.14 -17.38
N SER B 46 -29.21 18.58 -16.45
CA SER B 46 -30.40 17.85 -16.81
C SER B 46 -31.62 18.36 -16.03
N GLU B 47 -31.54 18.42 -14.71
CA GLU B 47 -32.66 18.87 -13.89
C GLU B 47 -32.62 20.34 -13.51
N LEU B 48 -31.45 20.98 -13.45
CA LEU B 48 -31.29 22.41 -13.22
C LEU B 48 -30.46 23.04 -14.32
N ASP B 49 -30.67 24.33 -14.56
CA ASP B 49 -29.77 25.07 -15.45
C ASP B 49 -28.71 25.78 -14.63
N LEU B 50 -27.80 26.49 -15.33
CA LEU B 50 -26.67 27.09 -14.64
C LEU B 50 -27.11 28.15 -13.63
N GLU B 51 -28.13 28.93 -13.96
CA GLU B 51 -28.54 30.00 -13.04
C GLU B 51 -29.12 29.44 -11.75
N GLN B 52 -29.93 28.38 -11.87
CA GLN B 52 -30.45 27.75 -10.67
C GLN B 52 -29.34 27.10 -9.85
N ALA B 53 -28.37 26.46 -10.53
CA ALA B 53 -27.27 25.86 -9.79
C ALA B 53 -26.48 26.92 -9.04
N ARG B 54 -26.33 28.10 -9.64
CA ARG B 54 -25.68 29.20 -8.94
C ARG B 54 -26.47 29.63 -7.71
N GLN B 55 -27.80 29.69 -7.82
CA GLN B 55 -28.61 29.99 -6.63
C GLN B 55 -28.41 28.93 -5.55
N ALA B 56 -28.33 27.67 -5.98
CA ALA B 56 -28.09 26.58 -5.03
C ALA B 56 -26.75 26.76 -4.32
N ALA B 57 -25.70 27.09 -5.08
CA ALA B 57 -24.37 27.25 -4.48
C ALA B 57 -24.36 28.41 -3.51
N ARG B 58 -25.10 29.48 -3.85
CA ARG B 58 -25.21 30.61 -2.94
C ARG B 58 -25.85 30.19 -1.63
N LEU B 59 -26.91 29.39 -1.69
CA LEU B 59 -27.56 28.93 -0.46
C LEU B 59 -26.63 28.05 0.37
N CYS B 60 -25.88 27.16 -0.30
CA CYS B 60 -24.90 26.35 0.42
C CYS B 60 -23.90 27.22 1.17
N ALA B 61 -23.39 28.26 0.50
CA ALA B 61 -22.43 29.16 1.14
C ALA B 61 -23.05 29.88 2.33
N ALA B 62 -24.31 30.31 2.17
CA ALA B 62 -25.01 30.95 3.28
C ALA B 62 -25.13 29.99 4.46
N CYS B 63 -25.43 28.73 4.17
CA CYS B 63 -25.52 27.71 5.22
C CYS B 63 -24.17 27.48 5.88
N CYS B 64 -23.09 27.53 5.10
CA CYS B 64 -21.75 27.40 5.68
C CYS B 64 -21.49 28.53 6.67
N LEU B 65 -21.78 29.77 6.26
CA LEU B 65 -21.53 30.89 7.15
C LEU B 65 -22.48 30.88 8.35
N LEU B 66 -23.72 30.42 8.18
CA LEU B 66 -24.60 30.29 9.36
C LEU B 66 -24.08 29.25 10.33
N ALA B 67 -23.61 28.10 9.84
CA ALA B 67 -23.01 27.10 10.72
C ALA B 67 -21.80 27.66 11.45
N LEU B 68 -20.95 28.41 10.74
CA LEU B 68 -19.77 29.00 11.36
C LEU B 68 -20.17 30.02 12.43
N GLU B 69 -21.12 30.89 12.11
CA GLU B 69 -21.58 31.90 13.05
C GLU B 69 -22.16 31.26 14.31
N GLU B 70 -22.98 30.21 14.12
CA GLU B 70 -23.61 29.55 15.26
C GLU B 70 -22.58 28.81 16.10
N ALA B 71 -21.52 28.29 15.49
CA ALA B 71 -20.47 27.62 16.27
C ALA B 71 -19.58 28.61 17.01
N LEU B 72 -19.32 29.78 16.42
CA LEU B 72 -18.35 30.72 16.99
C LEU B 72 -18.97 31.78 17.88
N GLY B 73 -20.28 31.97 17.82
CA GLY B 73 -20.89 33.10 18.46
C GLY B 73 -20.67 34.41 17.71
N GLY B 74 -20.63 34.35 16.38
CA GLY B 74 -20.49 35.54 15.57
C GLY B 74 -19.35 35.38 14.58
N LEU B 75 -19.51 36.00 13.42
CA LEU B 75 -18.47 35.92 12.40
C LEU B 75 -17.28 36.82 12.69
N GLN B 76 -17.34 37.65 13.74
CA GLN B 76 -16.17 38.46 14.06
C GLN B 76 -14.98 37.60 14.47
N ARG B 77 -15.20 36.35 14.88
CA ARG B 77 -14.09 35.47 15.23
C ARG B 77 -13.51 34.75 14.02
N VAL B 78 -14.03 34.98 12.81
CA VAL B 78 -13.40 34.43 11.62
C VAL B 78 -12.22 35.31 11.25
N GLU B 79 -11.01 34.73 11.30
CA GLU B 79 -9.84 35.45 10.83
C GLU B 79 -9.79 35.49 9.30
N ARG B 80 -10.00 34.35 8.64
CA ARG B 80 -10.11 34.33 7.19
C ARG B 80 -10.59 32.94 6.78
N LEU B 81 -11.21 32.86 5.61
CA LEU B 81 -11.44 31.54 5.04
C LEU B 81 -10.11 30.99 4.53
N LEU B 82 -10.02 29.67 4.43
CA LEU B 82 -8.81 29.02 3.94
C LEU B 82 -9.05 28.22 2.67
N LYS B 83 -10.03 27.31 2.71
CA LYS B 83 -10.20 26.46 1.53
C LYS B 83 -11.66 26.08 1.45
N VAL B 84 -12.21 26.12 0.24
CA VAL B 84 -13.60 25.75 -0.01
C VAL B 84 -13.59 24.58 -0.98
N THR B 85 -14.40 23.57 -0.72
CA THR B 85 -14.58 22.48 -1.70
C THR B 85 -16.04 22.46 -2.12
N GLY B 86 -16.26 22.54 -3.44
CA GLY B 86 -17.62 22.51 -3.96
C GLY B 86 -17.86 21.28 -4.80
N TYR B 87 -18.88 20.50 -4.44
CA TYR B 87 -19.28 19.33 -5.20
C TYR B 87 -20.58 19.67 -5.92
N VAL B 88 -20.63 19.41 -7.21
CA VAL B 88 -21.79 19.72 -8.02
C VAL B 88 -22.30 18.42 -8.64
N ALA B 89 -23.54 18.03 -8.32
CA ALA B 89 -24.14 16.87 -8.97
C ALA B 89 -24.32 17.19 -10.45
N SER B 90 -23.62 16.46 -11.31
CA SER B 90 -23.42 16.87 -12.69
C SER B 90 -24.02 15.85 -13.66
N ALA B 91 -24.87 16.31 -14.56
CA ALA B 91 -25.31 15.41 -15.61
C ALA B 91 -24.16 15.16 -16.60
N ALA B 92 -24.34 14.10 -17.41
CA ALA B 92 -23.36 13.78 -18.44
C ALA B 92 -23.08 14.99 -19.32
N GLY B 93 -21.81 15.34 -19.45
CA GLY B 93 -21.39 16.44 -20.30
C GLY B 93 -21.42 17.80 -19.66
N PHE B 94 -21.90 17.94 -18.42
CA PHE B 94 -21.90 19.24 -17.77
C PHE B 94 -20.51 19.51 -17.24
N VAL B 95 -19.90 20.61 -17.69
CA VAL B 95 -18.51 20.89 -17.34
C VAL B 95 -18.34 22.32 -16.85
N GLN B 96 -19.40 22.95 -16.35
CA GLN B 96 -19.32 24.32 -15.86
C GLN B 96 -19.38 24.40 -14.35
N GLN B 97 -18.79 23.42 -13.65
CA GLN B 97 -18.73 23.49 -12.19
C GLN B 97 -18.07 24.76 -11.65
N PRO B 98 -16.99 25.31 -12.26
CA PRO B 98 -16.44 26.57 -11.72
C PRO B 98 -17.46 27.68 -11.71
N ALA B 99 -18.27 27.81 -12.76
CA ALA B 99 -19.28 28.86 -12.78
C ALA B 99 -20.33 28.65 -11.68
N VAL B 100 -20.64 27.39 -11.36
CA VAL B 100 -21.57 27.10 -10.26
C VAL B 100 -20.96 27.51 -8.93
N ILE B 101 -19.75 27.05 -8.64
CA ILE B 101 -19.15 27.31 -7.33
C ILE B 101 -18.72 28.77 -7.20
N ASP B 102 -18.55 29.46 -8.33
CA ASP B 102 -18.30 30.90 -8.31
C ASP B 102 -19.39 31.64 -7.54
N ALA B 103 -20.62 31.16 -7.57
CA ALA B 103 -21.69 31.83 -6.82
C ALA B 103 -21.45 31.73 -5.31
N ALA B 104 -20.95 30.58 -4.84
CA ALA B 104 -20.56 30.44 -3.44
C ALA B 104 -19.38 31.35 -3.10
N SER B 105 -18.35 31.34 -3.95
CA SER B 105 -17.19 32.20 -3.70
C SER B 105 -17.60 33.67 -3.64
N GLU B 106 -18.49 34.10 -4.53
CA GLU B 106 -18.95 35.48 -4.53
C GLU B 106 -19.76 35.80 -3.27
N TYR B 107 -20.57 34.85 -2.78
CA TYR B 107 -21.28 35.09 -1.52
C TYR B 107 -20.31 35.27 -0.37
N PHE B 108 -19.29 34.40 -0.28
CA PHE B 108 -18.28 34.55 0.75
C PHE B 108 -17.61 35.92 0.66
N ASP B 109 -17.32 36.39 -0.56
CA ASP B 109 -16.70 37.71 -0.71
C ASP B 109 -17.64 38.82 -0.26
N GLU B 110 -18.91 38.74 -0.66
CA GLU B 110 -19.88 39.76 -0.29
C GLU B 110 -20.00 39.88 1.23
N VAL B 111 -20.03 38.74 1.94
CA VAL B 111 -20.22 38.80 3.39
C VAL B 111 -18.93 39.15 4.12
N LEU B 112 -17.78 38.59 3.72
CA LEU B 112 -16.57 38.68 4.52
C LEU B 112 -15.49 39.62 3.99
N GLY B 113 -15.67 40.22 2.81
CA GLY B 113 -14.63 41.11 2.30
C GLY B 113 -13.29 40.40 2.13
N ALA B 114 -12.23 41.07 2.60
CA ALA B 114 -10.89 40.52 2.48
C ALA B 114 -10.74 39.20 3.23
N ARG B 115 -11.56 38.98 4.26
CA ARG B 115 -11.45 37.74 5.02
C ARG B 115 -12.06 36.57 4.26
N GLY B 116 -12.78 36.85 3.18
CA GLY B 116 -13.43 35.84 2.38
C GLY B 116 -12.58 35.14 1.34
N GLY B 117 -11.33 35.54 1.14
CA GLY B 117 -10.51 34.89 0.12
C GLY B 117 -10.19 33.45 0.47
N HIS B 118 -10.10 32.60 -0.55
CA HIS B 118 -9.93 31.18 -0.26
C HIS B 118 -9.32 30.46 -1.45
N ALA B 119 -8.59 29.38 -1.15
CA ALA B 119 -8.32 28.40 -2.18
C ALA B 119 -9.59 27.58 -2.41
N ARG B 120 -9.62 26.86 -3.54
CA ARG B 120 -10.88 26.22 -3.93
C ARG B 120 -10.64 24.98 -4.78
N ALA B 121 -11.56 24.03 -4.66
CA ALA B 121 -11.68 22.95 -5.63
C ALA B 121 -13.15 22.82 -6.01
N ALA B 122 -13.41 22.47 -7.27
CA ALA B 122 -14.77 22.33 -7.79
C ALA B 122 -14.82 21.07 -8.63
N VAL B 123 -15.69 20.13 -8.28
CA VAL B 123 -15.71 18.85 -8.97
C VAL B 123 -17.15 18.45 -9.25
N GLY B 124 -17.33 17.69 -10.33
CA GLY B 124 -18.64 17.19 -10.67
C GLY B 124 -18.85 15.78 -10.19
N VAL B 125 -19.76 15.57 -9.24
CA VAL B 125 -19.98 14.24 -8.69
C VAL B 125 -21.20 13.61 -9.34
N ALA B 126 -21.37 12.30 -9.10
CA ALA B 126 -22.49 11.58 -9.69
C ALA B 126 -23.80 11.87 -8.97
N GLU B 127 -23.76 11.95 -7.65
CA GLU B 127 -24.97 12.12 -6.85
C GLU B 127 -24.59 12.83 -5.57
N LEU B 128 -25.56 13.51 -4.97
CA LEU B 128 -25.34 14.11 -3.67
C LEU B 128 -26.45 13.67 -2.73
N PRO B 129 -26.22 13.75 -1.42
CA PRO B 129 -27.25 13.39 -0.44
C PRO B 129 -28.61 14.02 -0.73
N ARG B 130 -29.64 13.20 -0.68
CA ARG B 130 -31.03 13.62 -0.83
C ARG B 130 -31.31 14.25 -2.19
N GLY B 131 -30.43 14.02 -3.17
CA GLY B 131 -30.62 14.62 -4.47
C GLY B 131 -30.26 16.08 -4.57
N ALA B 132 -29.54 16.62 -3.58
CA ALA B 132 -29.11 18.01 -3.61
C ALA B 132 -28.30 18.30 -4.88
N ALA B 133 -28.40 19.53 -5.36
CA ALA B 133 -27.66 19.90 -6.56
C ALA B 133 -26.20 20.22 -6.28
N VAL B 134 -25.91 20.76 -5.10
CA VAL B 134 -24.58 21.26 -4.74
C VAL B 134 -24.37 20.96 -3.27
N GLU B 135 -23.11 20.70 -2.90
CA GLU B 135 -22.71 20.57 -1.51
C GLU B 135 -21.40 21.33 -1.37
N VAL B 136 -21.30 22.18 -0.35
CA VAL B 136 -20.12 23.02 -0.17
C VAL B 136 -19.60 22.81 1.25
N GLU B 137 -18.31 22.53 1.36
CA GLU B 137 -17.65 22.41 2.66
C GLU B 137 -16.51 23.42 2.75
N LEU B 138 -16.07 23.72 3.97
CA LEU B 138 -14.96 24.67 3.99
C LEU B 138 -14.11 24.52 5.24
N ILE B 139 -12.92 25.11 5.17
CA ILE B 139 -11.98 25.20 6.29
C ILE B 139 -11.68 26.69 6.46
N ALA B 140 -11.75 27.16 7.71
CA ALA B 140 -11.52 28.58 8.00
C ALA B 140 -10.57 28.73 9.18
N ALA B 141 -9.89 29.86 9.24
CA ALA B 141 -9.07 30.20 10.40
C ALA B 141 -9.89 31.04 11.37
N VAL B 142 -9.78 30.74 12.66
CA VAL B 142 -10.61 31.37 13.67
C VAL B 142 -9.77 31.87 14.83
N ARG B 143 -10.34 32.83 15.55
CA ARG B 143 -9.70 33.53 16.65
C ARG B 143 -10.16 32.91 17.94
N TYR C 15 3.07 7.16 -1.98
CA TYR C 15 2.38 7.94 -0.95
C TYR C 15 2.51 7.22 0.39
N GLN C 16 2.15 7.90 1.46
CA GLN C 16 2.16 7.35 2.82
C GLN C 16 0.73 7.12 3.32
N PRO C 17 0.49 6.09 4.11
CA PRO C 17 -0.84 5.92 4.71
C PRO C 17 -1.23 7.07 5.61
N VAL C 18 -0.28 7.61 6.40
CA VAL C 18 -0.59 8.67 7.37
C VAL C 18 0.56 9.65 7.37
N VAL C 19 0.25 10.94 7.39
CA VAL C 19 1.24 11.98 7.65
C VAL C 19 0.85 12.72 8.93
N LEU C 20 1.81 12.87 9.84
CA LEU C 20 1.63 13.62 11.08
C LEU C 20 2.42 14.93 10.99
N HIS C 21 1.77 16.05 11.23
CA HIS C 21 2.43 17.34 11.20
C HIS C 21 1.69 18.34 12.07
N ALA C 22 2.44 18.98 12.99
CA ALA C 22 1.94 20.10 13.78
C ALA C 22 0.61 19.77 14.46
N GLY C 23 0.52 18.55 14.99
CA GLY C 23 -0.64 18.11 15.73
C GLY C 23 -1.81 17.62 14.90
N ILE C 24 -1.65 17.47 13.59
CA ILE C 24 -2.70 17.01 12.71
C ILE C 24 -2.23 15.72 12.04
N ALA C 25 -3.13 14.74 11.95
CA ALA C 25 -2.89 13.51 11.21
C ALA C 25 -3.76 13.51 9.96
N TYR C 26 -3.12 13.36 8.81
CA TYR C 26 -3.77 13.24 7.52
C TYR C 26 -3.77 11.77 7.16
N VAL C 27 -4.96 11.16 7.11
CA VAL C 27 -5.07 9.72 6.85
C VAL C 27 -5.51 9.54 5.42
N SER C 28 -4.75 8.76 4.65
CA SER C 28 -5.08 8.49 3.26
C SER C 28 -6.45 7.81 3.14
N GLY C 29 -7.05 7.97 1.97
CA GLY C 29 -8.30 7.30 1.65
C GLY C 29 -8.18 5.80 1.79
N GLN C 30 -9.11 5.19 2.52
CA GLN C 30 -9.15 3.76 2.81
C GLN C 30 -10.33 3.10 2.11
N LEU C 31 -10.10 1.89 1.58
CA LEU C 31 -11.11 1.06 0.93
C LEU C 31 -11.65 0.03 1.91
N PRO C 32 -12.75 -0.66 1.56
CA PRO C 32 -13.35 -1.61 2.50
C PRO C 32 -12.58 -2.92 2.53
N ARG C 33 -11.56 -2.99 3.38
CA ARG C 33 -10.67 -4.13 3.48
C ARG C 33 -10.86 -4.90 4.79
N GLN C 34 -10.65 -6.22 4.71
CA GLN C 34 -10.56 -7.11 5.86
C GLN C 34 -9.12 -7.65 5.88
N HIS C 35 -8.35 -7.26 6.90
CA HIS C 35 -6.95 -7.65 7.04
C HIS C 35 -6.17 -7.38 5.75
N GLY C 36 -6.47 -6.26 5.09
CA GLY C 36 -5.76 -5.92 3.88
C GLY C 36 -6.47 -6.30 2.60
N GLU C 37 -7.45 -7.20 2.67
CA GLU C 37 -8.07 -7.77 1.49
C GLU C 37 -9.38 -7.04 1.17
N LEU C 38 -9.49 -6.56 -0.05
CA LEU C 38 -10.69 -5.84 -0.49
C LEU C 38 -11.93 -6.73 -0.48
N ARG C 39 -12.93 -6.30 0.28
CA ARG C 39 -14.12 -7.10 0.58
C ARG C 39 -15.38 -6.66 -0.16
N TRP C 40 -15.60 -5.37 -0.39
CA TRP C 40 -16.87 -4.86 -0.91
C TRP C 40 -16.62 -4.05 -2.17
N THR C 41 -17.07 -4.58 -3.29
CA THR C 41 -16.98 -3.92 -4.58
C THR C 41 -18.36 -3.86 -5.21
N GLY C 42 -18.55 -2.88 -6.07
CA GLY C 42 -19.80 -2.68 -6.76
C GLY C 42 -20.45 -1.36 -6.38
N LYS C 43 -21.46 -1.00 -7.18
CA LYS C 43 -22.18 0.26 -7.01
C LYS C 43 -23.29 0.11 -5.99
N VAL C 44 -23.41 1.08 -5.09
CA VAL C 44 -24.50 1.07 -4.13
C VAL C 44 -25.77 1.53 -4.83
N GLY C 45 -26.85 0.78 -4.65
CA GLY C 45 -28.09 1.00 -5.35
C GLY C 45 -28.33 0.04 -6.49
N SER C 46 -27.31 -0.68 -6.94
CA SER C 46 -27.50 -1.71 -7.95
C SER C 46 -26.88 -3.03 -7.53
N GLU C 47 -25.58 -3.05 -7.25
CA GLU C 47 -24.93 -4.30 -6.86
C GLU C 47 -24.98 -4.52 -5.37
N LEU C 48 -24.90 -3.46 -4.59
CA LEU C 48 -25.00 -3.59 -3.15
C LEU C 48 -26.27 -2.88 -2.67
N ASP C 49 -26.84 -3.42 -1.62
CA ASP C 49 -27.97 -2.74 -0.98
C ASP C 49 -27.42 -1.90 0.17
N LEU C 50 -28.33 -1.21 0.87
CA LEU C 50 -27.89 -0.28 1.89
C LEU C 50 -27.17 -0.99 3.03
N GLU C 51 -27.62 -2.22 3.37
CA GLU C 51 -27.01 -2.94 4.49
C GLU C 51 -25.58 -3.33 4.16
N GLN C 52 -25.35 -3.81 2.94
CA GLN C 52 -23.99 -4.16 2.53
C GLN C 52 -23.11 -2.92 2.45
N ALA C 53 -23.65 -1.79 1.95
CA ALA C 53 -22.86 -0.56 1.87
C ALA C 53 -22.48 -0.07 3.26
N ARG C 54 -23.38 -0.21 4.23
CA ARG C 54 -23.02 0.17 5.59
C ARG C 54 -21.87 -0.70 6.11
N GLN C 55 -21.91 -2.01 5.81
CA GLN C 55 -20.78 -2.86 6.22
C GLN C 55 -19.47 -2.39 5.57
N ALA C 56 -19.55 -2.00 4.31
CA ALA C 56 -18.36 -1.51 3.61
C ALA C 56 -17.81 -0.24 4.27
N ALA C 57 -18.68 0.71 4.62
CA ALA C 57 -18.22 1.92 5.25
C ALA C 57 -17.61 1.64 6.61
N ARG C 58 -18.18 0.67 7.34
CA ARG C 58 -17.61 0.27 8.63
C ARG C 58 -16.19 -0.25 8.47
N LEU C 59 -15.94 -1.06 7.43
CA LEU C 59 -14.58 -1.54 7.22
C LEU C 59 -13.64 -0.39 6.86
N CYS C 60 -14.09 0.55 6.03
CA CYS C 60 -13.24 1.70 5.71
C CYS C 60 -12.83 2.45 6.96
N ALA C 61 -13.80 2.68 7.86
CA ALA C 61 -13.50 3.40 9.10
C ALA C 61 -12.50 2.64 9.96
N ALA C 62 -12.66 1.31 10.04
CA ALA C 62 -11.71 0.49 10.78
C ALA C 62 -10.31 0.60 10.19
N CYS C 63 -10.21 0.62 8.86
CA CYS C 63 -8.90 0.78 8.23
C CYS C 63 -8.28 2.14 8.55
N CYS C 64 -9.11 3.18 8.60
CA CYS C 64 -8.61 4.50 9.00
C CYS C 64 -8.01 4.45 10.39
N LEU C 65 -8.74 3.83 11.33
CA LEU C 65 -8.23 3.80 12.69
C LEU C 65 -6.99 2.91 12.82
N LEU C 66 -6.92 1.83 12.05
CA LEU C 66 -5.74 0.98 12.06
C LEU C 66 -4.50 1.73 11.55
N ALA C 67 -4.67 2.49 10.46
CA ALA C 67 -3.56 3.29 9.95
C ALA C 67 -3.10 4.32 10.99
N LEU C 68 -4.06 4.97 11.65
CA LEU C 68 -3.72 5.93 12.70
C LEU C 68 -3.01 5.23 13.86
N GLU C 69 -3.49 4.05 14.25
CA GLU C 69 -2.87 3.30 15.34
C GLU C 69 -1.42 2.97 15.04
N GLU C 70 -1.14 2.46 13.84
CA GLU C 70 0.24 2.12 13.56
C GLU C 70 1.11 3.38 13.40
N ALA C 71 0.54 4.48 12.93
CA ALA C 71 1.39 5.68 12.83
C ALA C 71 1.71 6.26 14.21
N LEU C 72 0.80 6.17 15.17
CA LEU C 72 1.00 6.78 16.47
C LEU C 72 1.58 5.85 17.52
N GLY C 73 1.54 4.54 17.30
CA GLY C 73 1.89 3.63 18.37
C GLY C 73 0.79 3.51 19.40
N GLY C 74 -0.46 3.60 18.97
CA GLY C 74 -1.61 3.46 19.84
C GLY C 74 -2.61 4.59 19.71
N LEU C 75 -3.89 4.26 19.89
CA LEU C 75 -4.93 5.27 19.78
C LEU C 75 -5.00 6.18 20.99
N GLN C 76 -4.23 5.92 22.04
CA GLN C 76 -4.25 6.84 23.18
C GLN C 76 -3.73 8.22 22.80
N ARG C 77 -2.99 8.32 21.69
CA ARG C 77 -2.47 9.60 21.22
C ARG C 77 -3.41 10.32 20.25
N VAL C 78 -4.61 9.77 20.02
CA VAL C 78 -5.62 10.49 19.24
C VAL C 78 -6.38 11.41 20.19
N GLU C 79 -6.24 12.72 19.98
CA GLU C 79 -6.96 13.69 20.80
C GLU C 79 -8.44 13.74 20.41
N ARG C 80 -8.72 13.87 19.11
CA ARG C 80 -10.09 13.81 18.61
C ARG C 80 -10.02 13.74 17.09
N LEU C 81 -11.08 13.19 16.50
CA LEU C 81 -11.24 13.31 15.05
C LEU C 81 -11.67 14.74 14.70
N LEU C 82 -11.35 15.15 13.48
CA LEU C 82 -11.69 16.50 13.05
C LEU C 82 -12.64 16.48 11.87
N LYS C 83 -12.27 15.78 10.80
CA LYS C 83 -13.09 15.84 9.60
C LYS C 83 -13.01 14.52 8.85
N VAL C 84 -14.15 14.01 8.41
CA VAL C 84 -14.24 12.74 7.68
C VAL C 84 -14.87 13.06 6.32
N THR C 85 -14.29 12.50 5.26
CA THR C 85 -14.90 12.61 3.93
C THR C 85 -15.19 11.21 3.44
N GLY C 86 -16.45 10.99 3.07
CA GLY C 86 -16.91 9.70 2.60
C GLY C 86 -17.35 9.79 1.16
N TYR C 87 -16.81 8.91 0.33
CA TYR C 87 -17.18 8.78 -1.08
C TYR C 87 -17.88 7.43 -1.27
N VAL C 88 -19.03 7.44 -1.95
CA VAL C 88 -19.80 6.23 -2.17
C VAL C 88 -19.98 6.05 -3.67
N ALA C 89 -19.51 4.91 -4.20
CA ALA C 89 -19.76 4.58 -5.60
C ALA C 89 -21.27 4.34 -5.77
N SER C 90 -21.93 5.20 -6.54
CA SER C 90 -23.39 5.33 -6.52
C SER C 90 -24.01 4.98 -7.86
N ALA C 91 -24.99 4.09 -7.83
CA ALA C 91 -25.80 3.82 -9.02
C ALA C 91 -26.69 5.03 -9.31
N ALA C 92 -27.19 5.10 -10.55
CA ALA C 92 -28.05 6.20 -10.95
C ALA C 92 -29.25 6.33 -10.03
N GLY C 93 -29.45 7.53 -9.49
CA GLY C 93 -30.59 7.79 -8.63
C GLY C 93 -30.39 7.45 -7.17
N PHE C 94 -29.25 6.87 -6.79
CA PHE C 94 -29.00 6.55 -5.39
C PHE C 94 -28.57 7.82 -4.66
N VAL C 95 -29.34 8.21 -3.64
CA VAL C 95 -29.09 9.49 -2.97
C VAL C 95 -29.03 9.28 -1.46
N GLN C 96 -28.74 8.06 -1.03
CA GLN C 96 -28.67 7.71 0.39
C GLN C 96 -27.23 7.60 0.89
N GLN C 97 -26.33 8.45 0.38
CA GLN C 97 -24.96 8.48 0.90
C GLN C 97 -24.87 8.75 2.39
N PRO C 98 -25.67 9.65 2.99
CA PRO C 98 -25.54 9.84 4.43
C PRO C 98 -25.78 8.57 5.21
N ALA C 99 -26.73 7.73 4.81
CA ALA C 99 -26.97 6.47 5.51
C ALA C 99 -25.77 5.54 5.41
N VAL C 100 -25.06 5.57 4.28
CA VAL C 100 -23.87 4.75 4.14
C VAL C 100 -22.75 5.27 5.04
N ILE C 101 -22.42 6.56 4.93
CA ILE C 101 -21.29 7.07 5.68
C ILE C 101 -21.59 7.15 7.18
N ASP C 102 -22.88 7.20 7.56
CA ASP C 102 -23.23 7.12 8.97
C ASP C 102 -22.64 5.89 9.64
N ALA C 103 -22.49 4.79 8.89
CA ALA C 103 -21.91 3.58 9.49
C ALA C 103 -20.45 3.79 9.85
N ALA C 104 -19.71 4.54 9.03
CA ALA C 104 -18.33 4.89 9.41
C ALA C 104 -18.34 5.81 10.62
N SER C 105 -19.19 6.83 10.59
CA SER C 105 -19.25 7.77 11.71
C SER C 105 -19.56 7.05 13.02
N GLU C 106 -20.53 6.12 12.98
CA GLU C 106 -20.93 5.38 14.17
C GLU C 106 -19.82 4.43 14.62
N TYR C 107 -19.08 3.83 13.68
CA TYR C 107 -17.92 3.05 14.09
C TYR C 107 -16.91 3.90 14.86
N PHE C 108 -16.63 5.11 14.35
CA PHE C 108 -15.71 6.01 15.05
C PHE C 108 -16.21 6.29 16.46
N ASP C 109 -17.53 6.47 16.59
CA ASP C 109 -18.11 6.70 17.92
C ASP C 109 -17.93 5.48 18.82
N GLU C 110 -18.17 4.29 18.28
CA GLU C 110 -18.05 3.08 19.09
C GLU C 110 -16.63 2.91 19.60
N VAL C 111 -15.62 3.22 18.77
CA VAL C 111 -14.25 3.01 19.21
C VAL C 111 -13.76 4.13 20.13
N LEU C 112 -14.02 5.39 19.77
CA LEU C 112 -13.40 6.52 20.42
C LEU C 112 -14.32 7.33 21.33
N GLY C 113 -15.60 6.96 21.46
CA GLY C 113 -16.50 7.74 22.28
C GLY C 113 -16.61 9.18 21.79
N ALA C 114 -16.60 10.11 22.75
CA ALA C 114 -16.72 11.52 22.42
C ALA C 114 -15.58 12.01 21.53
N ARG C 115 -14.40 11.39 21.64
CA ARG C 115 -13.28 11.84 20.81
C ARG C 115 -13.51 11.48 19.35
N GLY C 116 -14.52 10.67 19.07
CA GLY C 116 -14.84 10.28 17.72
C GLY C 116 -15.70 11.26 16.93
N GLY C 117 -16.17 12.33 17.56
CA GLY C 117 -16.97 13.31 16.84
C GLY C 117 -16.16 14.04 15.78
N HIS C 118 -16.84 14.41 14.69
CA HIS C 118 -16.17 14.97 13.54
C HIS C 118 -17.15 15.76 12.69
N ALA C 119 -16.62 16.72 11.96
CA ALA C 119 -17.27 17.30 10.80
C ALA C 119 -17.22 16.30 9.64
N ARG C 120 -18.06 16.51 8.62
CA ARG C 120 -18.15 15.46 7.61
C ARG C 120 -18.58 16.01 6.25
N ALA C 121 -18.12 15.34 5.19
CA ALA C 121 -18.71 15.49 3.86
C ALA C 121 -18.99 14.11 3.33
N ALA C 122 -20.07 13.98 2.55
CA ALA C 122 -20.45 12.70 1.95
C ALA C 122 -20.93 12.93 0.53
N VAL C 123 -20.32 12.23 -0.44
CA VAL C 123 -20.68 12.45 -1.85
C VAL C 123 -20.76 11.13 -2.60
N GLY C 124 -21.58 11.13 -3.65
CA GLY C 124 -21.71 9.99 -4.52
C GLY C 124 -20.82 10.15 -5.73
N VAL C 125 -19.85 9.27 -5.86
CA VAL C 125 -18.90 9.35 -6.96
C VAL C 125 -19.26 8.33 -8.03
N ALA C 126 -18.63 8.47 -9.19
CA ALA C 126 -18.91 7.57 -10.31
C ALA C 126 -18.20 6.24 -10.13
N GLU C 127 -16.95 6.25 -9.67
CA GLU C 127 -16.13 5.05 -9.55
C GLU C 127 -15.14 5.24 -8.42
N LEU C 128 -14.69 4.14 -7.85
CA LEU C 128 -13.67 4.14 -6.82
C LEU C 128 -12.58 3.15 -7.16
N PRO C 129 -11.38 3.32 -6.57
CA PRO C 129 -10.28 2.39 -6.83
C PRO C 129 -10.71 0.94 -6.68
N ARG C 130 -10.34 0.13 -7.68
CA ARG C 130 -10.54 -1.31 -7.73
C ARG C 130 -12.03 -1.69 -7.66
N GLY C 131 -12.92 -0.75 -7.95
CA GLY C 131 -14.35 -1.00 -7.88
C GLY C 131 -14.93 -1.00 -6.49
N ALA C 132 -14.20 -0.47 -5.51
CA ALA C 132 -14.66 -0.41 -4.12
C ALA C 132 -16.00 0.33 -4.03
N ALA C 133 -16.82 -0.10 -3.07
CA ALA C 133 -18.12 0.54 -2.90
C ALA C 133 -18.02 1.87 -2.17
N VAL C 134 -17.05 2.00 -1.26
CA VAL C 134 -16.93 3.16 -0.37
C VAL C 134 -15.45 3.46 -0.19
N GLU C 135 -15.12 4.75 -0.02
CA GLU C 135 -13.79 5.17 0.39
C GLU C 135 -13.93 6.27 1.43
N VAL C 136 -13.16 6.17 2.52
CA VAL C 136 -13.22 7.12 3.63
C VAL C 136 -11.82 7.66 3.89
N GLU C 137 -11.71 9.00 3.98
CA GLU C 137 -10.48 9.63 4.43
C GLU C 137 -10.78 10.48 5.65
N LEU C 138 -9.76 10.83 6.41
CA LEU C 138 -10.05 11.66 7.57
C LEU C 138 -8.83 12.46 7.98
N ILE C 139 -9.11 13.47 8.81
CA ILE C 139 -8.11 14.30 9.45
C ILE C 139 -8.40 14.25 10.94
N ALA C 140 -7.35 14.09 11.74
CA ALA C 140 -7.51 13.95 13.18
C ALA C 140 -6.52 14.85 13.91
N ALA C 141 -6.84 15.19 15.14
CA ALA C 141 -5.90 15.87 16.04
C ALA C 141 -5.17 14.83 16.87
N VAL C 142 -3.84 15.00 17.02
CA VAL C 142 -3.04 14.00 17.73
C VAL C 142 -2.10 14.63 18.76
N ARG C 143 -1.90 13.89 19.86
CA ARG C 143 -1.03 14.20 20.99
C ARG C 143 -1.41 13.32 22.17
N PRO C 144 -0.48 13.03 23.08
CA PRO C 144 -0.83 12.33 24.33
C PRO C 144 -1.84 13.12 25.14
N TYR D 15 26.13 -18.78 -12.02
CA TYR D 15 26.31 -17.38 -11.67
C TYR D 15 25.62 -17.07 -10.33
N GLN D 16 26.16 -16.08 -9.61
CA GLN D 16 25.73 -15.68 -8.27
C GLN D 16 25.12 -14.27 -8.24
N PRO D 17 24.18 -14.01 -7.33
CA PRO D 17 23.68 -12.64 -7.17
C PRO D 17 24.75 -11.65 -6.75
N VAL D 18 25.67 -12.07 -5.87
CA VAL D 18 26.72 -11.21 -5.35
C VAL D 18 28.01 -12.03 -5.25
N VAL D 19 29.12 -11.43 -5.65
CA VAL D 19 30.45 -12.00 -5.40
C VAL D 19 31.23 -11.05 -4.50
N LEU D 20 31.82 -11.59 -3.43
CA LEU D 20 32.67 -10.81 -2.53
C LEU D 20 34.11 -11.23 -2.71
N HIS D 21 34.98 -10.25 -2.96
CA HIS D 21 36.40 -10.57 -3.12
C HIS D 21 37.26 -9.35 -2.81
N ALA D 22 38.22 -9.51 -1.89
CA ALA D 22 39.24 -8.51 -1.62
C ALA D 22 38.63 -7.13 -1.37
N GLY D 23 37.58 -7.09 -0.56
CA GLY D 23 36.99 -5.83 -0.16
C GLY D 23 36.04 -5.21 -1.16
N ILE D 24 35.69 -5.94 -2.21
CA ILE D 24 34.77 -5.45 -3.23
C ILE D 24 33.60 -6.41 -3.33
N ALA D 25 32.40 -5.86 -3.48
CA ALA D 25 31.20 -6.62 -3.79
C ALA D 25 30.74 -6.30 -5.20
N TYR D 26 30.58 -7.33 -6.01
CA TYR D 26 30.06 -7.21 -7.37
C TYR D 26 28.63 -7.71 -7.31
N VAL D 27 27.66 -6.83 -7.56
CA VAL D 27 26.25 -7.16 -7.47
C VAL D 27 25.68 -7.27 -8.88
N SER D 28 25.10 -8.44 -9.17
CA SER D 28 24.49 -8.76 -10.46
C SER D 28 23.35 -7.80 -10.78
N GLY D 29 23.05 -7.68 -12.07
CA GLY D 29 21.91 -6.90 -12.50
C GLY D 29 20.62 -7.36 -11.84
N GLN D 30 19.89 -6.41 -11.28
CA GLN D 30 18.62 -6.66 -10.63
C GLN D 30 17.50 -6.06 -11.46
N LEU D 31 16.41 -6.81 -11.58
CA LEU D 31 15.21 -6.37 -12.27
C LEU D 31 14.21 -5.80 -11.27
N PRO D 32 13.16 -5.11 -11.75
CA PRO D 32 12.20 -4.52 -10.81
C PRO D 32 11.24 -5.55 -10.26
N ARG D 33 11.63 -6.19 -9.17
CA ARG D 33 10.86 -7.25 -8.53
C ARG D 33 10.24 -6.73 -7.24
N GLN D 34 9.05 -7.25 -6.94
CA GLN D 34 8.35 -6.96 -5.69
C GLN D 34 8.30 -8.25 -4.89
N HIS D 35 9.32 -8.45 -4.05
CA HIS D 35 9.43 -9.65 -3.21
C HIS D 35 9.21 -10.91 -4.07
N GLY D 36 9.84 -10.89 -5.25
CA GLY D 36 9.83 -11.97 -6.22
C GLY D 36 9.16 -11.78 -7.59
N GLU D 37 8.18 -10.88 -7.72
CA GLU D 37 7.39 -10.71 -8.94
C GLU D 37 7.88 -9.52 -9.77
N LEU D 38 8.09 -9.76 -11.08
CA LEU D 38 8.46 -8.67 -11.98
C LEU D 38 7.27 -7.73 -12.13
N ARG D 39 7.44 -6.47 -11.71
CA ARG D 39 6.33 -5.53 -11.60
C ARG D 39 6.23 -4.59 -12.78
N TRP D 40 7.34 -4.26 -13.42
CA TRP D 40 7.36 -3.25 -14.45
C TRP D 40 7.98 -3.84 -15.71
N THR D 41 7.15 -4.06 -16.73
CA THR D 41 7.60 -4.55 -18.03
C THR D 41 7.13 -3.58 -19.11
N GLY D 42 7.86 -3.57 -20.22
CA GLY D 42 7.55 -2.73 -21.35
C GLY D 42 8.63 -1.67 -21.57
N LYS D 43 8.56 -1.05 -22.75
CA LYS D 43 9.55 -0.08 -23.15
C LYS D 43 9.21 1.29 -22.58
N VAL D 44 10.22 1.96 -22.05
CA VAL D 44 10.04 3.31 -21.50
C VAL D 44 9.97 4.31 -22.63
N GLY D 45 8.93 5.14 -22.63
CA GLY D 45 8.63 6.02 -23.73
C GLY D 45 7.51 5.54 -24.63
N SER D 46 7.11 4.27 -24.54
CA SER D 46 5.95 3.84 -25.31
C SER D 46 4.90 3.17 -24.45
N GLU D 47 5.25 2.10 -23.76
CA GLU D 47 4.29 1.40 -22.90
C GLU D 47 4.32 1.93 -21.47
N LEU D 48 5.49 2.39 -21.02
CA LEU D 48 5.68 3.00 -19.72
C LEU D 48 6.12 4.44 -19.88
N ASP D 49 5.75 5.29 -18.92
CA ASP D 49 6.22 6.66 -18.91
C ASP D 49 7.37 6.82 -17.92
N LEU D 50 7.90 8.04 -17.84
CA LEU D 50 9.06 8.32 -17.00
C LEU D 50 8.80 7.99 -15.53
N GLU D 51 7.60 8.32 -15.06
CA GLU D 51 7.31 8.11 -13.65
C GLU D 51 7.19 6.62 -13.31
N GLN D 52 6.57 5.82 -14.18
CA GLN D 52 6.54 4.38 -13.92
C GLN D 52 7.95 3.79 -13.96
N ALA D 53 8.80 4.29 -14.88
CA ALA D 53 10.17 3.81 -14.96
C ALA D 53 10.96 4.16 -13.72
N ARG D 54 10.70 5.34 -13.14
CA ARG D 54 11.33 5.69 -11.87
C ARG D 54 10.91 4.74 -10.77
N GLN D 55 9.63 4.37 -10.72
CA GLN D 55 9.21 3.36 -9.75
C GLN D 55 9.95 2.04 -9.98
N ALA D 56 10.13 1.67 -11.24
CA ALA D 56 10.87 0.45 -11.57
C ALA D 56 12.32 0.53 -11.08
N ALA D 57 12.97 1.68 -11.31
CA ALA D 57 14.37 1.84 -10.91
C ALA D 57 14.51 1.83 -9.40
N ARG D 58 13.53 2.41 -8.69
CA ARG D 58 13.56 2.36 -7.24
C ARG D 58 13.49 0.91 -6.75
N LEU D 59 12.65 0.09 -7.39
CA LEU D 59 12.59 -1.31 -6.99
C LEU D 59 13.91 -2.02 -7.31
N CYS D 60 14.50 -1.75 -8.47
CA CYS D 60 15.81 -2.33 -8.79
C CYS D 60 16.83 -2.00 -7.72
N ALA D 61 16.89 -0.73 -7.29
CA ALA D 61 17.86 -0.31 -6.28
C ALA D 61 17.63 -1.03 -4.96
N ALA D 62 16.37 -1.20 -4.56
CA ALA D 62 16.05 -1.93 -3.33
C ALA D 62 16.53 -3.37 -3.44
N CYS D 63 16.33 -3.99 -4.60
CA CYS D 63 16.77 -5.37 -4.81
C CYS D 63 18.30 -5.48 -4.74
N CYS D 64 19.01 -4.46 -5.25
CA CYS D 64 20.47 -4.44 -5.12
C CYS D 64 20.90 -4.38 -3.67
N LEU D 65 20.30 -3.48 -2.89
CA LEU D 65 20.69 -3.38 -1.49
C LEU D 65 20.29 -4.63 -0.73
N LEU D 66 19.17 -5.25 -1.10
CA LEU D 66 18.74 -6.46 -0.43
C LEU D 66 19.71 -7.60 -0.71
N ALA D 67 20.15 -7.73 -1.96
CA ALA D 67 21.14 -8.75 -2.32
C ALA D 67 22.43 -8.55 -1.54
N LEU D 68 22.90 -7.30 -1.45
CA LEU D 68 24.11 -7.00 -0.69
C LEU D 68 23.92 -7.33 0.79
N GLU D 69 22.78 -6.93 1.36
CA GLU D 69 22.52 -7.17 2.78
C GLU D 69 22.54 -8.65 3.10
N GLU D 70 21.90 -9.45 2.24
CA GLU D 70 21.85 -10.88 2.50
C GLU D 70 23.21 -11.56 2.30
N ALA D 71 24.01 -11.09 1.34
CA ALA D 71 25.32 -11.69 1.12
C ALA D 71 26.28 -11.37 2.25
N LEU D 72 26.12 -10.19 2.87
CA LEU D 72 27.02 -9.72 3.91
C LEU D 72 26.53 -10.01 5.32
N GLY D 73 25.26 -10.34 5.49
CA GLY D 73 24.73 -10.40 6.84
C GLY D 73 24.53 -9.04 7.47
N GLY D 74 24.16 -8.05 6.65
CA GLY D 74 23.88 -6.72 7.15
C GLY D 74 24.60 -5.64 6.36
N LEU D 75 23.94 -4.48 6.24
CA LEU D 75 24.53 -3.38 5.51
C LEU D 75 25.60 -2.66 6.30
N GLN D 76 25.81 -3.03 7.57
CA GLN D 76 26.90 -2.41 8.32
C GLN D 76 28.24 -2.76 7.71
N ARG D 77 28.31 -3.84 6.95
CA ARG D 77 29.57 -4.19 6.30
C ARG D 77 29.76 -3.48 4.96
N VAL D 78 28.81 -2.67 4.53
CA VAL D 78 29.05 -1.85 3.35
C VAL D 78 29.84 -0.63 3.77
N GLU D 79 31.06 -0.49 3.23
CA GLU D 79 31.85 0.70 3.46
C GLU D 79 31.32 1.88 2.63
N ARG D 80 31.06 1.65 1.35
CA ARG D 80 30.39 2.63 0.50
C ARG D 80 30.06 1.97 -0.84
N LEU D 81 29.06 2.53 -1.53
CA LEU D 81 28.87 2.15 -2.91
C LEU D 81 29.98 2.79 -3.76
N LEU D 82 30.29 2.17 -4.90
CA LEU D 82 31.35 2.67 -5.78
C LEU D 82 30.81 3.07 -7.14
N LYS D 83 30.13 2.17 -7.85
CA LYS D 83 29.68 2.49 -9.20
C LYS D 83 28.36 1.76 -9.48
N VAL D 84 27.43 2.47 -10.11
CA VAL D 84 26.11 1.94 -10.45
C VAL D 84 25.94 2.03 -11.95
N THR D 85 25.45 0.97 -12.57
CA THR D 85 25.09 1.02 -13.98
C THR D 85 23.62 0.75 -14.12
N GLY D 86 22.90 1.68 -14.75
CA GLY D 86 21.46 1.56 -14.98
C GLY D 86 21.17 1.42 -16.46
N TYR D 87 20.44 0.37 -16.80
CA TYR D 87 19.99 0.11 -18.16
C TYR D 87 18.48 0.33 -18.21
N VAL D 88 18.03 1.08 -19.20
CA VAL D 88 16.61 1.39 -19.35
C VAL D 88 16.16 0.90 -20.72
N ALA D 89 15.21 -0.03 -20.75
CA ALA D 89 14.66 -0.46 -22.05
C ALA D 89 13.92 0.72 -22.67
N SER D 90 14.44 1.24 -23.78
CA SER D 90 14.08 2.57 -24.25
C SER D 90 13.42 2.49 -25.61
N ALA D 91 12.23 3.09 -25.71
CA ALA D 91 11.58 3.23 -27.01
C ALA D 91 12.31 4.26 -27.85
N ALA D 92 12.06 4.22 -29.14
CA ALA D 92 12.68 5.17 -30.06
C ALA D 92 12.43 6.60 -29.59
N GLY D 93 13.53 7.34 -29.43
CA GLY D 93 13.46 8.73 -29.05
C GLY D 93 13.44 9.01 -27.56
N PHE D 94 13.34 7.99 -26.71
CA PHE D 94 13.34 8.25 -25.27
C PHE D 94 14.78 8.48 -24.82
N VAL D 95 15.05 9.67 -24.26
CA VAL D 95 16.41 10.07 -23.91
C VAL D 95 16.47 10.60 -22.47
N GLN D 96 15.54 10.20 -21.62
CA GLN D 96 15.54 10.67 -20.24
C GLN D 96 15.98 9.58 -19.26
N GLN D 97 16.94 8.76 -19.70
CA GLN D 97 17.51 7.75 -18.82
C GLN D 97 18.07 8.31 -17.51
N PRO D 98 18.72 9.49 -17.49
CA PRO D 98 19.18 10.00 -16.18
C PRO D 98 18.05 10.22 -15.20
N ALA D 99 16.90 10.74 -15.64
CA ALA D 99 15.77 10.97 -14.75
C ALA D 99 15.19 9.65 -14.24
N VAL D 100 15.25 8.59 -15.04
CA VAL D 100 14.83 7.28 -14.59
C VAL D 100 15.76 6.75 -13.51
N ILE D 101 17.07 6.73 -13.82
CA ILE D 101 18.03 6.12 -12.90
C ILE D 101 18.25 6.99 -11.68
N ASP D 102 17.89 8.28 -11.76
CA ASP D 102 17.93 9.12 -10.56
C ASP D 102 17.10 8.53 -9.44
N ALA D 103 15.99 7.85 -9.74
CA ALA D 103 15.18 7.29 -8.66
C ALA D 103 15.97 6.22 -7.89
N ALA D 104 16.77 5.41 -8.60
CA ALA D 104 17.63 4.45 -7.93
C ALA D 104 18.71 5.16 -7.13
N SER D 105 19.36 6.17 -7.74
CA SER D 105 20.41 6.91 -7.03
C SER D 105 19.87 7.56 -5.76
N GLU D 106 18.67 8.15 -5.85
CA GLU D 106 18.06 8.81 -4.70
C GLU D 106 17.67 7.81 -3.64
N TYR D 107 17.23 6.59 -4.01
CA TYR D 107 17.00 5.56 -3.01
C TYR D 107 18.29 5.21 -2.28
N PHE D 108 19.38 5.02 -3.04
CA PHE D 108 20.65 4.72 -2.38
C PHE D 108 21.04 5.83 -1.42
N ASP D 109 20.82 7.09 -1.82
CA ASP D 109 21.12 8.21 -0.93
C ASP D 109 20.24 8.18 0.32
N GLU D 110 18.94 7.91 0.16
CA GLU D 110 18.05 7.86 1.31
C GLU D 110 18.47 6.80 2.30
N VAL D 111 18.88 5.63 1.81
CA VAL D 111 19.19 4.53 2.72
C VAL D 111 20.58 4.67 3.31
N LEU D 112 21.58 5.01 2.50
CA LEU D 112 22.97 4.94 2.88
C LEU D 112 23.66 6.29 3.06
N GLY D 113 22.97 7.42 2.89
CA GLY D 113 23.65 8.69 3.09
C GLY D 113 24.90 8.84 2.25
N ALA D 114 25.97 9.31 2.90
CA ALA D 114 27.25 9.49 2.21
C ALA D 114 27.78 8.16 1.69
N ARG D 115 27.44 7.06 2.36
CA ARG D 115 27.93 5.77 1.89
C ARG D 115 27.20 5.37 0.63
N GLY D 116 26.09 6.06 0.35
CA GLY D 116 25.34 5.79 -0.87
C GLY D 116 25.86 6.48 -2.10
N GLY D 117 26.90 7.31 -2.00
CA GLY D 117 27.43 8.00 -3.16
C GLY D 117 28.05 7.05 -4.16
N HIS D 118 27.95 7.40 -5.44
CA HIS D 118 28.41 6.46 -6.45
C HIS D 118 28.71 7.19 -7.75
N ALA D 119 29.65 6.65 -8.52
CA ALA D 119 29.74 6.98 -9.93
C ALA D 119 28.64 6.24 -10.67
N ARG D 120 28.32 6.70 -11.89
CA ARG D 120 27.15 6.16 -12.54
C ARG D 120 27.26 6.19 -14.06
N ALA D 121 26.62 5.23 -14.70
CA ALA D 121 26.34 5.28 -16.13
C ALA D 121 24.88 4.94 -16.32
N ALA D 122 24.24 5.58 -17.30
CA ALA D 122 22.83 5.33 -17.58
C ALA D 122 22.67 5.28 -19.09
N VAL D 123 22.18 4.16 -19.61
CA VAL D 123 22.08 3.97 -21.05
C VAL D 123 20.72 3.38 -21.41
N GLY D 124 20.28 3.69 -22.63
CA GLY D 124 19.05 3.16 -23.17
C GLY D 124 19.35 1.94 -24.01
N VAL D 125 18.86 0.78 -23.56
CA VAL D 125 19.11 -0.47 -24.23
C VAL D 125 17.89 -0.83 -25.07
N ALA D 126 18.06 -1.83 -25.94
CA ALA D 126 16.96 -2.25 -26.81
C ALA D 126 15.95 -3.12 -26.07
N GLU D 127 16.44 -4.06 -25.25
CA GLU D 127 15.61 -5.05 -24.58
C GLU D 127 16.26 -5.39 -23.25
N LEU D 128 15.45 -5.84 -22.30
CA LEU D 128 15.94 -6.35 -21.03
C LEU D 128 15.30 -7.70 -20.74
N PRO D 129 15.92 -8.49 -19.87
CA PRO D 129 15.36 -9.81 -19.52
C PRO D 129 13.88 -9.72 -19.14
N ARG D 130 13.09 -10.61 -19.73
CA ARG D 130 11.65 -10.74 -19.52
C ARG D 130 10.89 -9.47 -19.86
N GLY D 131 11.49 -8.56 -20.63
CA GLY D 131 10.81 -7.32 -20.92
C GLY D 131 10.83 -6.32 -19.80
N ALA D 132 11.69 -6.52 -18.80
CA ALA D 132 11.81 -5.58 -17.69
C ALA D 132 12.08 -4.16 -18.20
N ALA D 133 11.57 -3.17 -17.46
CA ALA D 133 11.74 -1.79 -17.88
C ALA D 133 13.14 -1.26 -17.60
N VAL D 134 13.75 -1.72 -16.51
CA VAL D 134 15.02 -1.20 -16.00
C VAL D 134 15.78 -2.38 -15.40
N GLU D 135 17.10 -2.30 -15.47
CA GLU D 135 18.00 -3.23 -14.77
C GLU D 135 19.14 -2.43 -14.17
N VAL D 136 19.46 -2.67 -12.91
CA VAL D 136 20.49 -1.92 -12.21
C VAL D 136 21.51 -2.90 -11.66
N GLU D 137 22.80 -2.63 -11.91
CA GLU D 137 23.86 -3.43 -11.33
C GLU D 137 24.78 -2.51 -10.53
N LEU D 138 25.57 -3.07 -9.62
CA LEU D 138 26.45 -2.14 -8.92
C LEU D 138 27.69 -2.83 -8.38
N ILE D 139 28.66 -2.00 -8.02
CA ILE D 139 29.87 -2.42 -7.33
C ILE D 139 30.01 -1.60 -6.07
N ALA D 140 30.35 -2.28 -4.95
CA ALA D 140 30.43 -1.65 -3.64
C ALA D 140 31.71 -2.05 -2.94
N ALA D 141 32.11 -1.22 -1.98
CA ALA D 141 33.23 -1.54 -1.09
C ALA D 141 32.68 -2.15 0.20
N VAL D 142 33.32 -3.21 0.66
CA VAL D 142 32.83 -3.92 1.83
C VAL D 142 33.97 -4.19 2.80
N ARG D 143 33.58 -4.39 4.06
CA ARG D 143 34.49 -4.72 5.15
C ARG D 143 34.42 -6.21 5.37
N PRO D 144 35.52 -6.96 5.18
CA PRO D 144 35.61 -8.38 5.54
C PRO D 144 35.22 -8.59 7.01
N ALA E 14 12.49 -12.95 -0.21
CA ALA E 14 12.50 -13.68 -1.48
C ALA E 14 11.31 -14.63 -1.60
N TYR E 15 10.45 -14.65 -0.58
CA TYR E 15 9.35 -15.59 -0.50
C TYR E 15 8.08 -14.87 -0.04
N GLN E 16 6.95 -15.57 -0.18
CA GLN E 16 5.58 -15.16 0.16
C GLN E 16 5.15 -15.76 1.48
N PRO E 17 4.42 -14.98 2.28
CA PRO E 17 3.88 -15.56 3.53
C PRO E 17 2.90 -16.70 3.28
N VAL E 18 2.05 -16.59 2.27
CA VAL E 18 1.04 -17.59 1.97
C VAL E 18 0.92 -17.69 0.45
N VAL E 19 0.80 -18.92 -0.06
CA VAL E 19 0.46 -19.17 -1.46
C VAL E 19 -0.90 -19.86 -1.52
N LEU E 20 -1.81 -19.34 -2.34
CA LEU E 20 -3.13 -19.95 -2.53
C LEU E 20 -3.21 -20.59 -3.91
N HIS E 21 -3.59 -21.86 -3.96
CA HIS E 21 -3.71 -22.56 -5.24
C HIS E 21 -4.71 -23.69 -5.13
N ALA E 22 -5.72 -23.68 -6.01
CA ALA E 22 -6.66 -24.80 -6.15
C ALA E 22 -7.27 -25.20 -4.80
N GLY E 23 -7.67 -24.21 -4.02
CA GLY E 23 -8.32 -24.51 -2.76
C GLY E 23 -7.40 -24.89 -1.63
N ILE E 24 -6.09 -24.74 -1.79
CA ILE E 24 -5.10 -25.06 -0.76
C ILE E 24 -4.28 -23.81 -0.48
N ALA E 25 -4.01 -23.56 0.81
CA ALA E 25 -3.13 -22.49 1.25
C ALA E 25 -1.87 -23.09 1.86
N TYR E 26 -0.72 -22.66 1.36
CA TYR E 26 0.59 -23.06 1.89
C TYR E 26 1.12 -21.88 2.69
N VAL E 27 1.24 -22.05 4.00
CA VAL E 27 1.64 -20.99 4.93
C VAL E 27 3.08 -21.23 5.36
N SER E 28 3.92 -20.21 5.10
CA SER E 28 5.35 -20.19 5.41
C SER E 28 5.58 -20.34 6.91
N GLY E 29 6.78 -20.82 7.25
CA GLY E 29 7.17 -20.95 8.64
C GLY E 29 7.09 -19.63 9.38
N GLN E 30 6.41 -19.64 10.53
CA GLN E 30 6.22 -18.46 11.36
C GLN E 30 7.00 -18.58 12.67
N LEU E 31 7.61 -17.47 13.08
CA LEU E 31 8.36 -17.36 14.33
C LEU E 31 7.46 -16.81 15.42
N PRO E 32 7.88 -16.91 16.72
CA PRO E 32 7.02 -16.39 17.80
C PRO E 32 7.14 -14.87 17.88
N ARG E 33 6.34 -14.15 17.10
CA ARG E 33 6.41 -12.71 16.97
C ARG E 33 5.28 -11.97 17.70
N GLN E 34 5.59 -10.72 18.10
CA GLN E 34 4.60 -9.77 18.57
C GLN E 34 4.51 -8.59 17.61
N HIS E 35 3.43 -8.56 16.83
CA HIS E 35 3.17 -7.46 15.91
C HIS E 35 4.43 -7.17 15.09
N GLY E 36 5.11 -8.24 14.68
CA GLY E 36 6.37 -8.12 13.98
C GLY E 36 7.59 -8.43 14.81
N GLU E 37 7.45 -8.47 16.14
CA GLU E 37 8.56 -8.55 17.08
C GLU E 37 8.85 -9.97 17.56
N LEU E 38 10.08 -10.43 17.38
CA LEU E 38 10.50 -11.76 17.82
C LEU E 38 10.51 -11.83 19.35
N ARG E 39 9.71 -12.74 19.92
CA ARG E 39 9.39 -12.72 21.34
C ARG E 39 10.10 -13.77 22.19
N TRP E 40 10.32 -14.98 21.68
CA TRP E 40 10.89 -16.08 22.46
C TRP E 40 12.09 -16.65 21.73
N THR E 41 13.29 -16.45 22.31
CA THR E 41 14.53 -16.97 21.76
C THR E 41 15.24 -17.83 22.79
N GLY E 42 16.04 -18.76 22.31
CA GLY E 42 16.78 -19.70 23.13
C GLY E 42 16.32 -21.13 22.88
N LYS E 43 17.12 -22.08 23.37
CA LYS E 43 16.85 -23.50 23.16
C LYS E 43 15.92 -24.04 24.25
N VAL E 44 14.96 -24.86 23.83
CA VAL E 44 14.05 -25.47 24.79
C VAL E 44 14.77 -26.59 25.52
N GLY E 45 14.70 -26.58 26.85
CA GLY E 45 15.41 -27.53 27.68
C GLY E 45 16.70 -27.02 28.30
N SER E 46 17.21 -25.90 27.81
CA SER E 46 18.36 -25.22 28.38
C SER E 46 18.04 -23.79 28.76
N GLU E 47 17.48 -23.00 27.85
CA GLU E 47 17.08 -21.64 28.19
C GLU E 47 15.60 -21.50 28.53
N LEU E 48 14.71 -22.27 27.90
CA LEU E 48 13.28 -22.24 28.17
C LEU E 48 12.82 -23.55 28.79
N ASP E 49 11.78 -23.49 29.62
CA ASP E 49 11.18 -24.72 30.09
C ASP E 49 9.96 -25.01 29.22
N LEU E 50 9.26 -26.08 29.55
CA LEU E 50 8.14 -26.51 28.72
C LEU E 50 7.06 -25.44 28.65
N GLU E 51 6.84 -24.70 29.73
CA GLU E 51 5.75 -23.72 29.73
C GLU E 51 6.08 -22.53 28.83
N GLN E 52 7.33 -22.06 28.89
CA GLN E 52 7.78 -20.98 28.01
C GLN E 52 7.75 -21.40 26.54
N ALA E 53 8.18 -22.64 26.25
CA ALA E 53 8.13 -23.13 24.88
C ALA E 53 6.69 -23.24 24.40
N ARG E 54 5.78 -23.63 25.29
CA ARG E 54 4.36 -23.68 24.93
C ARG E 54 3.83 -22.29 24.60
N GLN E 55 4.22 -21.27 25.38
CA GLN E 55 3.82 -19.91 25.00
C GLN E 55 4.39 -19.52 23.64
N ALA E 56 5.65 -19.88 23.37
CA ALA E 56 6.25 -19.57 22.08
C ALA E 56 5.50 -20.24 20.94
N ALA E 57 5.16 -21.53 21.10
CA ALA E 57 4.45 -22.24 20.05
C ALA E 57 3.08 -21.63 19.83
N ARG E 58 2.47 -21.17 20.89
CA ARG E 58 1.19 -20.50 20.82
C ARG E 58 1.29 -19.21 19.97
N LEU E 59 2.39 -18.48 20.17
CA LEU E 59 2.64 -17.29 19.34
C LEU E 59 2.83 -17.66 17.87
N CYS E 60 3.57 -18.74 17.62
CA CYS E 60 3.74 -19.20 16.24
C CYS E 60 2.40 -19.50 15.60
N ALA E 61 1.54 -20.22 16.32
CA ALA E 61 0.23 -20.54 15.78
C ALA E 61 -0.55 -19.28 15.48
N ALA E 62 -0.44 -18.28 16.37
CA ALA E 62 -1.11 -17.01 16.12
C ALA E 62 -0.61 -16.33 14.84
N CYS E 63 0.71 -16.37 14.60
CA CYS E 63 1.26 -15.79 13.37
C CYS E 63 0.77 -16.56 12.14
N CYS E 64 0.67 -17.88 12.24
CA CYS E 64 0.12 -18.67 11.13
C CYS E 64 -1.31 -18.25 10.80
N LEU E 65 -2.15 -18.13 11.82
CA LEU E 65 -3.54 -17.78 11.57
C LEU E 65 -3.65 -16.34 11.06
N LEU E 66 -2.76 -15.45 11.52
CA LEU E 66 -2.76 -14.08 11.01
C LEU E 66 -2.36 -14.02 9.54
N ALA E 67 -1.31 -14.76 9.16
CA ALA E 67 -0.93 -14.82 7.75
C ALA E 67 -2.08 -15.34 6.90
N LEU E 68 -2.77 -16.36 7.40
CA LEU E 68 -3.91 -16.89 6.67
C LEU E 68 -5.01 -15.82 6.52
N GLU E 69 -5.29 -15.09 7.60
CA GLU E 69 -6.29 -14.01 7.54
C GLU E 69 -5.89 -12.96 6.52
N GLU E 70 -4.62 -12.57 6.49
CA GLU E 70 -4.19 -11.52 5.58
C GLU E 70 -4.19 -12.01 4.13
N ALA E 71 -4.01 -13.32 3.90
CA ALA E 71 -4.13 -13.80 2.53
C ALA E 71 -5.60 -13.95 2.09
N LEU E 72 -6.48 -14.35 3.00
CA LEU E 72 -7.86 -14.67 2.69
C LEU E 72 -8.85 -13.55 3.02
N GLY E 73 -8.45 -12.57 3.84
CA GLY E 73 -9.42 -11.62 4.35
C GLY E 73 -10.32 -12.18 5.43
N GLY E 74 -9.81 -13.09 6.27
CA GLY E 74 -10.59 -13.65 7.35
C GLY E 74 -10.59 -15.16 7.44
N LEU E 75 -10.68 -15.67 8.67
CA LEU E 75 -10.67 -17.11 8.90
C LEU E 75 -11.98 -17.77 8.52
N GLN E 76 -13.01 -16.98 8.22
CA GLN E 76 -14.26 -17.56 7.76
C GLN E 76 -14.10 -18.30 6.44
N ARG E 77 -13.06 -17.99 5.68
CA ARG E 77 -12.77 -18.68 4.42
C ARG E 77 -11.87 -19.90 4.58
N VAL E 78 -11.51 -20.27 5.80
CA VAL E 78 -10.79 -21.52 6.04
C VAL E 78 -11.80 -22.66 6.15
N GLU E 79 -11.72 -23.62 5.23
CA GLU E 79 -12.57 -24.80 5.33
C GLU E 79 -12.09 -25.72 6.45
N ARG E 80 -10.78 -25.99 6.50
CA ARG E 80 -10.16 -26.74 7.58
C ARG E 80 -8.65 -26.67 7.44
N LEU E 81 -7.96 -26.85 8.56
CA LEU E 81 -6.53 -27.08 8.52
C LEU E 81 -6.27 -28.50 8.01
N LEU E 82 -5.08 -28.69 7.45
CA LEU E 82 -4.70 -29.99 6.89
C LEU E 82 -3.47 -30.57 7.56
N LYS E 83 -2.38 -29.79 7.62
CA LYS E 83 -1.12 -30.33 8.10
C LYS E 83 -0.29 -29.24 8.76
N VAL E 84 0.28 -29.54 9.92
CA VAL E 84 1.11 -28.61 10.67
C VAL E 84 2.47 -29.25 10.87
N THR E 85 3.53 -28.48 10.63
CA THR E 85 4.88 -28.94 10.97
C THR E 85 5.46 -27.99 11.98
N GLY E 86 5.89 -28.53 13.11
CA GLY E 86 6.46 -27.73 14.17
C GLY E 86 7.90 -28.10 14.40
N TYR E 87 8.78 -27.12 14.35
CA TYR E 87 10.19 -27.27 14.61
C TYR E 87 10.47 -26.62 15.95
N VAL E 88 11.18 -27.34 16.82
CA VAL E 88 11.48 -26.87 18.16
C VAL E 88 13.00 -26.80 18.29
N ALA E 89 13.52 -25.61 18.58
CA ALA E 89 14.95 -25.46 18.86
C ALA E 89 15.24 -26.20 20.16
N SER E 90 16.00 -27.29 20.08
CA SER E 90 16.06 -28.27 21.15
C SER E 90 17.47 -28.39 21.71
N ALA E 91 17.61 -28.21 23.01
CA ALA E 91 18.88 -28.49 23.66
C ALA E 91 19.09 -30.01 23.78
N ALA E 92 20.34 -30.39 24.01
CA ALA E 92 20.69 -31.79 24.17
C ALA E 92 19.82 -32.46 25.23
N GLY E 93 19.16 -33.54 24.84
CA GLY E 93 18.32 -34.29 25.75
C GLY E 93 16.88 -33.82 25.84
N PHE E 94 16.51 -32.71 25.20
CA PHE E 94 15.11 -32.28 25.25
C PHE E 94 14.32 -33.11 24.24
N VAL E 95 13.31 -33.83 24.72
CA VAL E 95 12.57 -34.76 23.85
C VAL E 95 11.07 -34.59 24.04
N GLN E 96 10.65 -33.40 24.49
CA GLN E 96 9.24 -33.11 24.70
C GLN E 96 8.68 -32.17 23.63
N GLN E 97 9.14 -32.32 22.39
CA GLN E 97 8.57 -31.54 21.28
C GLN E 97 7.06 -31.69 21.12
N PRO E 98 6.45 -32.87 21.29
CA PRO E 98 4.98 -32.93 21.17
C PRO E 98 4.28 -32.04 22.19
N ALA E 99 4.78 -31.98 23.42
CA ALA E 99 4.15 -31.13 24.42
C ALA E 99 4.24 -29.66 24.05
N VAL E 100 5.34 -29.27 23.40
CA VAL E 100 5.49 -27.89 22.95
C VAL E 100 4.49 -27.59 21.84
N ILE E 101 4.46 -28.43 20.80
CA ILE E 101 3.61 -28.14 19.64
C ILE E 101 2.13 -28.35 19.96
N ASP E 102 1.81 -29.11 21.02
CA ASP E 102 0.44 -29.22 21.48
C ASP E 102 -0.16 -27.85 21.76
N ALA E 103 0.66 -26.89 22.19
CA ALA E 103 0.14 -25.55 22.45
C ALA E 103 -0.35 -24.89 21.17
N ALA E 104 0.39 -25.08 20.07
CA ALA E 104 -0.07 -24.58 18.78
C ALA E 104 -1.33 -25.31 18.34
N SER E 105 -1.35 -26.64 18.49
CA SER E 105 -2.54 -27.40 18.12
C SER E 105 -3.77 -26.96 18.90
N GLU E 106 -3.63 -26.77 20.22
CA GLU E 106 -4.78 -26.35 21.03
C GLU E 106 -5.19 -24.91 20.71
N TYR E 107 -4.23 -24.04 20.39
CA TYR E 107 -4.60 -22.71 19.91
C TYR E 107 -5.41 -22.80 18.62
N PHE E 108 -4.99 -23.65 17.68
CA PHE E 108 -5.76 -23.85 16.45
C PHE E 108 -7.17 -24.31 16.75
N ASP E 109 -7.32 -25.23 17.71
CA ASP E 109 -8.66 -25.70 18.06
C ASP E 109 -9.47 -24.58 18.73
N GLU E 110 -8.84 -23.80 19.60
CA GLU E 110 -9.57 -22.70 20.25
C GLU E 110 -10.13 -21.72 19.22
N VAL E 111 -9.33 -21.42 18.19
CA VAL E 111 -9.82 -20.45 17.21
C VAL E 111 -10.81 -21.07 16.23
N LEU E 112 -10.52 -22.28 15.72
CA LEU E 112 -11.24 -22.83 14.58
C LEU E 112 -12.21 -23.95 14.91
N GLY E 113 -12.33 -24.38 16.17
CA GLY E 113 -13.24 -25.47 16.50
C GLY E 113 -12.88 -26.73 15.73
N ALA E 114 -13.92 -27.39 15.22
CA ALA E 114 -13.75 -28.63 14.46
C ALA E 114 -12.92 -28.41 13.21
N ARG E 115 -12.89 -27.18 12.69
CA ARG E 115 -12.13 -26.91 11.47
C ARG E 115 -10.63 -26.85 11.72
N GLY E 116 -10.20 -26.80 12.98
CA GLY E 116 -8.80 -26.72 13.35
C GLY E 116 -8.02 -28.02 13.40
N GLY E 117 -8.67 -29.17 13.17
CA GLY E 117 -7.96 -30.43 13.21
C GLY E 117 -6.92 -30.54 12.12
N HIS E 118 -5.85 -31.30 12.41
CA HIS E 118 -4.73 -31.34 11.48
C HIS E 118 -3.85 -32.57 11.75
N ALA E 119 -3.21 -33.05 10.68
CA ALA E 119 -2.05 -33.93 10.82
C ALA E 119 -0.84 -33.12 11.25
N ARG E 120 0.17 -33.82 11.78
CA ARG E 120 1.24 -33.05 12.42
C ARG E 120 2.56 -33.79 12.43
N ALA E 121 3.63 -33.02 12.40
CA ALA E 121 4.95 -33.52 12.75
C ALA E 121 5.61 -32.53 13.71
N ALA E 122 6.40 -33.06 14.65
CA ALA E 122 7.11 -32.24 15.62
C ALA E 122 8.52 -32.78 15.74
N VAL E 123 9.52 -31.95 15.45
CA VAL E 123 10.89 -32.40 15.44
C VAL E 123 11.76 -31.38 16.16
N GLY E 124 12.84 -31.87 16.75
CA GLY E 124 13.80 -31.00 17.41
C GLY E 124 14.94 -30.67 16.48
N VAL E 125 15.07 -29.42 16.09
CA VAL E 125 16.13 -29.00 15.19
C VAL E 125 17.26 -28.39 15.99
N ALA E 126 18.40 -28.18 15.34
CA ALA E 126 19.58 -27.62 16.00
C ALA E 126 19.45 -26.10 16.19
N GLU E 127 18.94 -25.40 15.19
CA GLU E 127 18.83 -23.94 15.25
C GLU E 127 17.65 -23.50 14.41
N LEU E 128 17.12 -22.32 14.74
CA LEU E 128 16.06 -21.72 13.94
C LEU E 128 16.43 -20.29 13.60
N PRO E 129 15.80 -19.72 12.58
CA PRO E 129 16.11 -18.33 12.21
C PRO E 129 16.11 -17.39 13.41
N ARG E 130 17.20 -16.64 13.54
CA ARG E 130 17.35 -15.61 14.55
C ARG E 130 17.25 -16.14 15.99
N GLY E 131 17.44 -17.45 16.18
CA GLY E 131 17.38 -18.05 17.49
C GLY E 131 16.00 -18.26 18.07
N ALA E 132 14.94 -18.18 17.26
CA ALA E 132 13.60 -18.43 17.76
C ALA E 132 13.52 -19.81 18.41
N ALA E 133 12.66 -19.94 19.41
CA ALA E 133 12.54 -21.22 20.09
C ALA E 133 11.72 -22.22 19.27
N VAL E 134 10.74 -21.74 18.51
CA VAL E 134 9.80 -22.60 17.80
C VAL E 134 9.52 -21.97 16.45
N GLU E 135 9.26 -22.81 15.44
CA GLU E 135 8.81 -22.35 14.14
C GLU E 135 7.70 -23.30 13.69
N VAL E 136 6.60 -22.75 13.18
CA VAL E 136 5.45 -23.56 12.77
C VAL E 136 5.07 -23.19 11.34
N GLU E 137 4.86 -24.20 10.49
CA GLU E 137 4.36 -23.97 9.14
C GLU E 137 3.09 -24.79 8.96
N LEU E 138 2.26 -24.43 7.96
CA LEU E 138 1.05 -25.23 7.86
C LEU E 138 0.47 -25.22 6.46
N ILE E 139 -0.44 -26.17 6.24
CA ILE E 139 -1.22 -26.30 5.01
C ILE E 139 -2.69 -26.33 5.41
N ALA E 140 -3.52 -25.57 4.67
CA ALA E 140 -4.95 -25.51 4.97
C ALA E 140 -5.78 -25.63 3.69
N ALA E 141 -7.03 -26.06 3.86
CA ALA E 141 -8.01 -26.02 2.78
C ALA E 141 -8.80 -24.72 2.91
N VAL E 142 -8.94 -23.98 1.80
CA VAL E 142 -9.53 -22.64 1.84
C VAL E 142 -10.52 -22.40 0.70
N ARG E 143 -11.37 -21.38 0.90
CA ARG E 143 -12.37 -20.93 -0.08
C ARG E 143 -12.18 -19.44 -0.39
N PRO E 144 -11.14 -19.08 -1.16
CA PRO E 144 -10.88 -17.65 -1.42
C PRO E 144 -11.98 -16.96 -2.23
N ALA F 14 15.70 -46.15 -3.98
CA ALA F 14 14.44 -46.64 -3.43
C ALA F 14 13.35 -45.57 -3.50
N TYR F 15 13.69 -44.41 -4.04
CA TYR F 15 12.74 -43.31 -4.20
C TYR F 15 12.96 -42.65 -5.55
N GLN F 16 11.97 -41.80 -5.98
CA GLN F 16 12.10 -41.09 -7.26
C GLN F 16 12.44 -39.62 -7.04
N PRO F 17 13.18 -39.02 -7.98
CA PRO F 17 13.46 -37.59 -7.86
C PRO F 17 12.20 -36.75 -7.84
N VAL F 18 11.18 -37.10 -8.63
CA VAL F 18 9.96 -36.31 -8.75
C VAL F 18 8.77 -37.26 -8.86
N VAL F 19 7.66 -36.92 -8.18
CA VAL F 19 6.38 -37.59 -8.38
C VAL F 19 5.38 -36.58 -8.93
N LEU F 20 4.70 -36.94 -10.03
CA LEU F 20 3.65 -36.10 -10.60
C LEU F 20 2.29 -36.73 -10.33
N HIS F 21 1.37 -35.96 -9.75
CA HIS F 21 0.04 -36.49 -9.49
C HIS F 21 -0.97 -35.35 -9.36
N ALA F 22 -2.06 -35.45 -10.13
CA ALA F 22 -3.21 -34.56 -9.98
C ALA F 22 -2.80 -33.10 -10.01
N GLY F 23 -1.92 -32.75 -10.94
CA GLY F 23 -1.52 -31.37 -11.12
C GLY F 23 -0.48 -30.87 -10.14
N ILE F 24 0.12 -31.73 -9.32
CA ILE F 24 1.15 -31.34 -8.36
C ILE F 24 2.42 -32.15 -8.63
N ALA F 25 3.57 -31.49 -8.53
CA ALA F 25 4.87 -32.13 -8.58
C ALA F 25 5.52 -32.08 -7.20
N TYR F 26 5.90 -33.26 -6.70
CA TYR F 26 6.62 -33.40 -5.43
C TYR F 26 8.08 -33.69 -5.78
N VAL F 27 8.97 -32.76 -5.46
CA VAL F 27 10.39 -32.86 -5.80
C VAL F 27 11.18 -33.19 -4.53
N SER F 28 11.90 -34.30 -4.61
CA SER F 28 12.73 -34.81 -3.53
C SER F 28 13.81 -33.81 -3.14
N GLY F 29 14.27 -33.93 -1.89
CA GLY F 29 15.36 -33.12 -1.38
C GLY F 29 16.60 -33.24 -2.23
N GLN F 30 17.17 -32.11 -2.64
CA GLN F 30 18.35 -32.07 -3.47
C GLN F 30 19.52 -31.54 -2.69
N LEU F 31 20.69 -32.14 -2.90
CA LEU F 31 21.92 -31.70 -2.27
C LEU F 31 22.67 -30.76 -3.21
N PRO F 32 23.68 -30.03 -2.71
CA PRO F 32 24.37 -29.09 -3.59
C PRO F 32 25.35 -29.79 -4.52
N ARG F 33 24.83 -30.28 -5.65
CA ARG F 33 25.65 -30.97 -6.64
C ARG F 33 25.81 -30.08 -7.87
N GLN F 34 27.03 -30.05 -8.39
CA GLN F 34 27.32 -29.51 -9.71
C GLN F 34 27.90 -30.66 -10.53
N HIS F 35 27.17 -31.03 -11.58
CA HIS F 35 27.53 -32.13 -12.48
C HIS F 35 27.68 -33.46 -11.75
N GLY F 36 26.81 -33.70 -10.76
CA GLY F 36 26.76 -34.98 -10.09
C GLY F 36 27.53 -35.04 -8.79
N GLU F 37 28.54 -34.20 -8.61
CA GLU F 37 29.48 -34.28 -7.50
C GLU F 37 29.07 -33.33 -6.39
N LEU F 38 29.03 -33.83 -5.16
CA LEU F 38 28.73 -32.99 -4.01
C LEU F 38 29.84 -31.97 -3.83
N ARG F 39 29.46 -30.69 -3.92
CA ARG F 39 30.43 -29.60 -3.98
C ARG F 39 30.59 -28.87 -2.67
N TRP F 40 29.55 -28.77 -1.85
CA TRP F 40 29.59 -27.96 -0.62
C TRP F 40 29.23 -28.84 0.57
N THR F 41 30.21 -29.15 1.40
CA THR F 41 30.04 -29.96 2.61
C THR F 41 30.54 -29.21 3.83
N GLY F 42 30.02 -29.57 4.99
CA GLY F 42 30.43 -28.94 6.23
C GLY F 42 29.31 -28.14 6.86
N LYS F 43 29.54 -27.73 8.09
CA LYS F 43 28.54 -26.97 8.82
C LYS F 43 28.67 -25.49 8.53
N VAL F 44 27.52 -24.84 8.33
CA VAL F 44 27.49 -23.41 8.14
C VAL F 44 27.70 -22.74 9.49
N GLY F 45 28.68 -21.83 9.54
CA GLY F 45 29.14 -21.26 10.78
C GLY F 45 30.45 -21.83 11.26
N SER F 46 30.90 -22.96 10.72
CA SER F 46 32.23 -23.45 11.09
C SER F 46 33.12 -23.73 9.88
N GLU F 47 32.73 -24.66 9.02
CA GLU F 47 33.56 -24.90 7.84
C GLU F 47 33.13 -24.02 6.70
N LEU F 48 31.85 -23.68 6.65
CA LEU F 48 31.33 -22.77 5.65
C LEU F 48 30.87 -21.49 6.32
N ASP F 49 31.06 -20.40 5.62
CA ASP F 49 30.55 -19.10 5.99
C ASP F 49 29.27 -18.83 5.20
N LEU F 50 28.69 -17.66 5.43
CA LEU F 50 27.41 -17.35 4.82
C LEU F 50 27.53 -17.37 3.30
N GLU F 51 28.69 -16.94 2.77
CA GLU F 51 28.85 -16.74 1.32
C GLU F 51 28.86 -18.08 0.58
N GLN F 52 29.60 -19.08 1.07
CA GLN F 52 29.56 -20.40 0.45
C GLN F 52 28.22 -21.11 0.64
N ALA F 53 27.61 -20.93 1.82
CA ALA F 53 26.32 -21.56 2.08
C ALA F 53 25.27 -21.03 1.12
N ARG F 54 25.34 -19.74 0.76
CA ARG F 54 24.40 -19.21 -0.23
C ARG F 54 24.59 -19.86 -1.59
N GLN F 55 25.84 -20.06 -2.01
CA GLN F 55 26.09 -20.77 -3.27
C GLN F 55 25.55 -22.19 -3.21
N ALA F 56 25.71 -22.85 -2.06
CA ALA F 56 25.19 -24.21 -1.90
C ALA F 56 23.68 -24.24 -2.07
N ALA F 57 22.96 -23.31 -1.42
CA ALA F 57 21.51 -23.31 -1.54
C ALA F 57 21.05 -22.98 -2.95
N ARG F 58 21.75 -22.05 -3.62
CA ARG F 58 21.42 -21.75 -5.02
C ARG F 58 21.61 -22.98 -5.91
N LEU F 59 22.68 -23.74 -5.67
CA LEU F 59 22.92 -24.96 -6.42
C LEU F 59 21.85 -26.02 -6.15
N CYS F 60 21.42 -26.14 -4.89
CA CYS F 60 20.30 -27.04 -4.57
C CYS F 60 19.08 -26.66 -5.38
N ALA F 61 18.78 -25.35 -5.44
CA ALA F 61 17.63 -24.89 -6.21
C ALA F 61 17.77 -25.26 -7.68
N ALA F 62 18.98 -25.12 -8.22
CA ALA F 62 19.22 -25.51 -9.60
C ALA F 62 18.95 -26.99 -9.84
N CYS F 63 19.40 -27.84 -8.92
CA CYS F 63 19.13 -29.28 -9.06
C CYS F 63 17.63 -29.58 -8.96
N CYS F 64 16.92 -28.85 -8.10
CA CYS F 64 15.46 -29.01 -8.01
C CYS F 64 14.82 -28.71 -9.36
N LEU F 65 15.15 -27.57 -9.95
CA LEU F 65 14.52 -27.21 -11.23
C LEU F 65 14.95 -28.16 -12.33
N LEU F 66 16.18 -28.68 -12.26
CA LEU F 66 16.62 -29.68 -13.24
C LEU F 66 15.79 -30.95 -13.12
N ALA F 67 15.57 -31.42 -11.90
CA ALA F 67 14.72 -32.59 -11.71
C ALA F 67 13.32 -32.34 -12.25
N LEU F 68 12.78 -31.14 -11.98
CA LEU F 68 11.44 -30.81 -12.47
C LEU F 68 11.38 -30.80 -13.99
N GLU F 69 12.36 -30.15 -14.64
CA GLU F 69 12.39 -30.10 -16.10
C GLU F 69 12.47 -31.49 -16.69
N GLU F 70 13.33 -32.35 -16.12
CA GLU F 70 13.50 -33.69 -16.65
C GLU F 70 12.27 -34.56 -16.42
N ALA F 71 11.55 -34.34 -15.31
CA ALA F 71 10.32 -35.10 -15.09
C ALA F 71 9.19 -34.62 -16.00
N LEU F 72 9.16 -33.32 -16.32
CA LEU F 72 8.08 -32.75 -17.11
C LEU F 72 8.41 -32.70 -18.59
N GLY F 73 9.69 -32.83 -18.96
CA GLY F 73 10.09 -32.60 -20.33
C GLY F 73 10.16 -31.14 -20.69
N GLY F 74 10.53 -30.29 -19.74
CA GLY F 74 10.59 -28.86 -19.99
C GLY F 74 9.80 -28.16 -18.91
N LEU F 75 10.22 -26.94 -18.59
CA LEU F 75 9.54 -26.14 -17.57
C LEU F 75 8.26 -25.47 -18.07
N GLN F 76 7.94 -25.57 -19.37
CA GLN F 76 6.72 -24.90 -19.85
C GLN F 76 5.47 -25.44 -19.18
N ARG F 77 5.53 -26.65 -18.63
CA ARG F 77 4.41 -27.26 -17.93
C ARG F 77 4.34 -26.87 -16.45
N VAL F 78 5.24 -26.04 -15.97
CA VAL F 78 5.16 -25.55 -14.59
C VAL F 78 4.13 -24.43 -14.55
N GLU F 79 3.04 -24.65 -13.83
CA GLU F 79 2.03 -23.62 -13.61
C GLU F 79 2.54 -22.58 -12.61
N ARG F 80 3.06 -23.04 -11.46
CA ARG F 80 3.74 -22.19 -10.49
C ARG F 80 4.36 -23.09 -9.43
N LEU F 81 5.39 -22.56 -8.76
CA LEU F 81 5.84 -23.21 -7.54
C LEU F 81 4.85 -22.95 -6.41
N LEU F 82 4.85 -23.84 -5.43
CA LEU F 82 3.95 -23.69 -4.31
C LEU F 82 4.70 -23.55 -3.00
N LYS F 83 5.61 -24.48 -2.70
CA LYS F 83 6.24 -24.45 -1.37
C LYS F 83 7.65 -24.99 -1.44
N VAL F 84 8.56 -24.32 -0.76
CA VAL F 84 9.98 -24.67 -0.71
C VAL F 84 10.37 -24.93 0.74
N THR F 85 11.10 -26.01 0.99
CA THR F 85 11.66 -26.24 2.32
C THR F 85 13.18 -26.31 2.20
N GLY F 86 13.86 -25.51 3.02
CA GLY F 86 15.31 -25.48 3.05
C GLY F 86 15.86 -25.94 4.39
N TYR F 87 16.76 -26.92 4.36
CA TYR F 87 17.45 -27.39 5.56
C TYR F 87 18.91 -26.98 5.46
N VAL F 88 19.42 -26.40 6.54
CA VAL F 88 20.81 -25.92 6.61
C VAL F 88 21.49 -26.64 7.75
N ALA F 89 22.53 -27.39 7.43
CA ALA F 89 23.35 -28.01 8.46
C ALA F 89 24.09 -26.90 9.19
N SER F 90 23.73 -26.67 10.46
CA SER F 90 24.06 -25.43 11.15
C SER F 90 24.97 -25.71 12.33
N ALA F 91 26.12 -25.03 12.35
CA ALA F 91 26.99 -25.08 13.50
C ALA F 91 26.33 -24.37 14.68
N ALA F 92 26.88 -24.60 15.86
CA ALA F 92 26.37 -23.98 17.08
C ALA F 92 26.30 -22.46 16.94
N GLY F 93 25.11 -21.91 17.20
CA GLY F 93 24.93 -20.48 17.19
C GLY F 93 24.63 -19.85 15.84
N PHE F 94 24.68 -20.62 14.75
CA PHE F 94 24.35 -20.05 13.45
C PHE F 94 22.84 -19.94 13.28
N VAL F 95 22.36 -18.71 13.07
CA VAL F 95 20.94 -18.42 13.03
C VAL F 95 20.56 -17.58 11.81
N GLN F 96 21.36 -17.63 10.75
CA GLN F 96 21.06 -16.90 9.51
C GLN F 96 20.59 -17.84 8.40
N GLN F 97 19.81 -18.87 8.75
CA GLN F 97 19.25 -19.75 7.72
C GLN F 97 18.39 -19.02 6.68
N PRO F 98 17.58 -18.02 7.02
CA PRO F 98 16.82 -17.32 5.97
C PRO F 98 17.72 -16.72 4.89
N ALA F 99 18.87 -16.15 5.27
CA ALA F 99 19.77 -15.60 4.28
C ALA F 99 20.35 -16.68 3.38
N VAL F 100 20.59 -17.88 3.92
CA VAL F 100 21.10 -18.97 3.10
C VAL F 100 20.03 -19.43 2.11
N ILE F 101 18.82 -19.73 2.60
CA ILE F 101 17.78 -20.27 1.72
C ILE F 101 17.24 -19.20 0.77
N ASP F 102 17.43 -17.92 1.11
CA ASP F 102 17.06 -16.84 0.20
C ASP F 102 17.77 -16.94 -1.13
N ALA F 103 18.99 -17.51 -1.16
CA ALA F 103 19.66 -17.70 -2.44
C ALA F 103 18.89 -18.66 -3.33
N ALA F 104 18.35 -19.73 -2.75
CA ALA F 104 17.50 -20.65 -3.50
C ALA F 104 16.21 -19.97 -3.93
N SER F 105 15.57 -19.26 -3.01
CA SER F 105 14.33 -18.57 -3.35
C SER F 105 14.54 -17.59 -4.50
N GLU F 106 15.65 -16.86 -4.46
CA GLU F 106 15.92 -15.91 -5.54
C GLU F 106 16.21 -16.63 -6.84
N TYR F 107 16.89 -17.78 -6.79
CA TYR F 107 17.07 -18.55 -8.03
C TYR F 107 15.72 -18.96 -8.62
N PHE F 108 14.81 -19.45 -7.78
CA PHE F 108 13.49 -19.84 -8.27
C PHE F 108 12.74 -18.65 -8.88
N ASP F 109 12.75 -17.50 -8.19
CA ASP F 109 12.08 -16.32 -8.73
C ASP F 109 12.73 -15.88 -10.05
N GLU F 110 14.05 -15.96 -10.13
CA GLU F 110 14.78 -15.59 -11.34
C GLU F 110 14.40 -16.47 -12.53
N VAL F 111 14.33 -17.78 -12.32
CA VAL F 111 14.10 -18.67 -13.46
C VAL F 111 12.64 -18.67 -13.88
N LEU F 112 11.71 -18.64 -12.93
CA LEU F 112 10.32 -18.91 -13.27
C LEU F 112 9.46 -17.66 -13.36
N GLY F 113 10.02 -16.48 -13.08
CA GLY F 113 9.24 -15.25 -13.22
C GLY F 113 8.00 -15.19 -12.36
N ALA F 114 6.88 -14.83 -13.00
CA ALA F 114 5.58 -14.66 -12.36
C ALA F 114 5.07 -15.94 -11.70
N ARG F 115 5.98 -16.87 -11.44
CA ARG F 115 5.57 -18.24 -11.18
C ARG F 115 6.52 -18.93 -10.21
N GLY F 116 7.66 -18.30 -9.94
CA GLY F 116 8.61 -18.81 -8.97
C GLY F 116 8.27 -18.43 -7.54
N GLY F 117 7.23 -17.63 -7.35
CA GLY F 117 6.85 -17.24 -6.01
C GLY F 117 6.39 -18.45 -5.21
N HIS F 118 6.68 -18.43 -3.92
CA HIS F 118 6.47 -19.62 -3.12
C HIS F 118 6.39 -19.27 -1.64
N ALA F 119 5.67 -20.11 -0.90
CA ALA F 119 5.82 -20.15 0.54
C ALA F 119 7.10 -20.91 0.89
N ARG F 120 7.56 -20.75 2.14
CA ARG F 120 8.88 -21.27 2.47
C ARG F 120 8.98 -21.59 3.95
N ALA F 121 9.82 -22.59 4.26
CA ALA F 121 10.34 -22.81 5.60
C ALA F 121 11.84 -23.00 5.51
N ALA F 122 12.55 -22.53 6.54
CA ALA F 122 14.00 -22.60 6.61
C ALA F 122 14.37 -22.98 8.03
N VAL F 123 15.14 -24.08 8.19
CA VAL F 123 15.46 -24.59 9.51
C VAL F 123 16.92 -25.01 9.57
N GLY F 124 17.49 -24.95 10.79
CA GLY F 124 18.85 -25.40 11.01
C GLY F 124 18.87 -26.82 11.55
N VAL F 125 19.38 -27.75 10.77
CA VAL F 125 19.39 -29.15 11.15
C VAL F 125 20.77 -29.52 11.69
N ALA F 126 20.85 -30.67 12.34
CA ALA F 126 22.12 -31.11 12.93
C ALA F 126 23.07 -31.65 11.87
N GLU F 127 22.56 -32.41 10.90
CA GLU F 127 23.37 -33.08 9.88
C GLU F 127 22.52 -33.27 8.62
N LEU F 128 23.20 -33.41 7.49
CA LEU F 128 22.56 -33.72 6.22
C LEU F 128 23.28 -34.87 5.54
N PRO F 129 22.61 -35.56 4.62
CA PRO F 129 23.26 -36.68 3.90
C PRO F 129 24.62 -36.31 3.36
N ARG F 130 25.61 -37.17 3.64
CA ARG F 130 26.99 -37.04 3.16
C ARG F 130 27.66 -35.74 3.62
N GLY F 131 27.13 -35.10 4.66
CA GLY F 131 27.73 -33.86 5.13
C GLY F 131 27.43 -32.65 4.29
N ALA F 132 26.44 -32.72 3.40
CA ALA F 132 26.08 -31.57 2.58
C ALA F 132 25.70 -30.40 3.48
N ALA F 133 25.97 -29.19 2.98
CA ALA F 133 25.68 -28.01 3.78
C ALA F 133 24.20 -27.65 3.78
N VAL F 134 23.51 -27.90 2.67
CA VAL F 134 22.14 -27.46 2.45
C VAL F 134 21.40 -28.56 1.70
N GLU F 135 20.10 -28.68 1.97
CA GLU F 135 19.21 -29.55 1.19
C GLU F 135 17.89 -28.82 0.96
N VAL F 136 17.40 -28.85 -0.27
CA VAL F 136 16.19 -28.11 -0.63
C VAL F 136 15.21 -29.06 -1.33
N GLU F 137 13.95 -29.03 -0.90
CA GLU F 137 12.89 -29.77 -1.56
C GLU F 137 11.77 -28.83 -1.97
N LEU F 138 10.89 -29.29 -2.87
CA LEU F 138 9.84 -28.36 -3.25
C LEU F 138 8.59 -29.07 -3.76
N ILE F 139 7.51 -28.29 -3.79
CA ILE F 139 6.22 -28.69 -4.36
C ILE F 139 5.80 -27.62 -5.34
N ALA F 140 5.32 -28.06 -6.52
CA ALA F 140 4.92 -27.15 -7.59
C ALA F 140 3.59 -27.57 -8.19
N ALA F 141 2.90 -26.63 -8.83
CA ALA F 141 1.72 -26.93 -9.62
C ALA F 141 2.14 -27.11 -11.07
N VAL F 142 1.60 -28.14 -11.74
CA VAL F 142 2.03 -28.48 -13.10
C VAL F 142 0.79 -28.79 -13.95
N ARG F 143 0.97 -28.67 -15.27
CA ARG F 143 -0.16 -28.90 -16.16
C ARG F 143 -0.09 -30.30 -16.76
#